data_7ZZT
#
_entry.id   7ZZT
#
_cell.length_a   92.208
_cell.length_b   98.023
_cell.length_c   139.275
_cell.angle_alpha   90.000
_cell.angle_beta   90.000
_cell.angle_gamma   90.000
#
_symmetry.space_group_name_H-M   'P 21 21 21'
#
loop_
_entity.id
_entity.type
_entity.pdbx_description
1 polymer 'Histone deacetylase 2'
2 non-polymer 'ZINC ION'
3 non-polymer 'CALCIUM ION'
4 non-polymer 'SODIUM ION'
5 non-polymer DI(HYDROXYETHYL)ETHER
6 non-polymer 'TRIETHYLENE GLYCOL'
7 non-polymer [(2~{R})-1-oxidanylidene-4-phenyl-1-pyrrolidin-1-yl-butan-2-yl]azanium
8 non-polymer '2-[N-CYCLOHEXYLAMINO]ETHANE SULFONIC ACID'
9 non-polymer 'TETRAETHYLENE GLYCOL'
10 non-polymer 1,2-ETHANEDIOL
11 water water
#
_entity_poly.entity_id   1
_entity_poly.type   'polypeptide(L)'
_entity_poly.pdbx_seq_one_letter_code
;MAYSQGGGKKKVCYYYDGDIGNYYYGQGHPMKPHRIRMTHNLLLNYGLYRKMEIYRPHKATAEEMTKYHSDEYIKFLRSI
RPDNMSEYSKQMQRFNVGEDCPVFDGLFEFCQLSTGGSVAGAVKLNRQQTDMAVNWAGGLHHAKKSEASGFCYVNDIVLA
ILELLKYHQRVLYIDIDIHHGDGVEEAFYTTDRVMTVSFHKYGEYFPGTGDLRDIGAGKGKYYAVNFPMRDGIDDESYGQ
IFKPIISKVMEMYQPSAVVLQCGADSLSGDRLGCFNLTVKGHAKCVEVVKTFNLPLLMLGGGGYTIRNVARCWTYETAVA
LDCEIPNELPYNDYFEYFGPDFKLHISPSNMTNQNTPEYMEKIKQRLFENLRMLPHAPGVQMQAIPEDAVHEDSGDEDGE
DPDKRISIRASDKRIACDEEFSDSEDEGEGGRRNVADHKKGAKKARIEEDKKETEDKKTDVKEEDKSKDNSGEKTDTKGT
KSEQLSNPGSSGHHHHHH
;
_entity_poly.pdbx_strand_id   A,B,C
#
loop_
_chem_comp.id
_chem_comp.type
_chem_comp.name
_chem_comp.formula
CA non-polymer 'CALCIUM ION' 'Ca 2'
EDO non-polymer 1,2-ETHANEDIOL 'C2 H6 O2'
KJF non-polymer [(2~{R})-1-oxidanylidene-4-phenyl-1-pyrrolidin-1-yl-butan-2-yl]azanium 'C14 H21 N2 O 1'
NA non-polymer 'SODIUM ION' 'Na 1'
NHE non-polymer '2-[N-CYCLOHEXYLAMINO]ETHANE SULFONIC ACID' 'C8 H17 N O3 S'
PEG non-polymer DI(HYDROXYETHYL)ETHER 'C4 H10 O3'
PG4 non-polymer 'TETRAETHYLENE GLYCOL' 'C8 H18 O5'
PGE non-polymer 'TRIETHYLENE GLYCOL' 'C6 H14 O4'
ZN non-polymer 'ZINC ION' 'Zn 2'
#
# COMPACT_ATOMS: atom_id res chain seq x y z
N GLY A 7 -1.21 12.43 47.45
CA GLY A 7 -0.35 11.19 47.50
C GLY A 7 -1.02 10.03 46.80
N GLY A 8 -0.63 8.82 47.20
CA GLY A 8 -1.23 7.59 46.69
C GLY A 8 -0.51 7.08 45.46
N LYS A 9 -0.66 5.78 45.20
CA LYS A 9 -0.18 5.14 43.99
C LYS A 9 -1.15 5.45 42.85
N LYS A 10 -0.64 5.45 41.64
CA LYS A 10 -1.42 5.99 40.52
C LYS A 10 -1.73 4.87 39.52
N LYS A 11 -2.85 5.00 38.82
CA LYS A 11 -3.12 4.10 37.71
C LYS A 11 -2.29 4.52 36.49
N VAL A 12 -1.57 3.56 35.87
CA VAL A 12 -0.68 3.83 34.75
C VAL A 12 -1.12 2.98 33.55
N CYS A 13 -1.28 3.64 32.42
CA CYS A 13 -1.57 3.00 31.13
C CYS A 13 -0.35 3.20 30.23
N TYR A 14 0.13 2.11 29.62
CA TYR A 14 1.35 2.11 28.88
C TYR A 14 1.07 1.68 27.44
N TYR A 15 1.63 2.43 26.48
CA TYR A 15 1.36 2.23 25.04
C TYR A 15 2.61 1.66 24.35
N TYR A 16 2.44 0.53 23.66
CA TYR A 16 3.53 -0.12 22.95
C TYR A 16 3.00 -0.97 21.80
N ASP A 17 3.67 -0.84 20.64
CA ASP A 17 3.44 -1.73 19.53
C ASP A 17 4.73 -2.49 19.21
N GLY A 18 4.64 -3.83 19.27
CA GLY A 18 5.76 -4.75 19.04
C GLY A 18 6.44 -4.54 17.69
N ASP A 19 5.82 -3.84 16.77
CA ASP A 19 6.41 -3.63 15.45
C ASP A 19 7.43 -2.47 15.46
N ILE A 20 7.36 -1.62 16.49
CA ILE A 20 8.12 -0.37 16.53
C ILE A 20 9.61 -0.67 16.39
N GLY A 21 10.08 -1.76 16.95
CA GLY A 21 11.53 -2.02 16.98
C GLY A 21 12.10 -2.44 15.66
N ASN A 22 11.26 -2.70 14.65
CA ASN A 22 11.69 -3.14 13.35
C ASN A 22 11.90 -1.99 12.35
N TYR A 23 11.54 -0.78 12.71
CA TYR A 23 11.79 0.39 11.81
C TYR A 23 13.29 0.76 11.90
N TYR A 24 13.88 1.00 10.74
CA TYR A 24 15.31 1.15 10.65
C TYR A 24 15.65 2.42 9.87
N TYR A 25 16.36 3.34 10.53
CA TYR A 25 16.64 4.64 9.94
C TYR A 25 17.75 4.53 8.90
N GLY A 26 18.51 3.44 8.85
CA GLY A 26 19.50 3.25 7.83
C GLY A 26 20.88 3.07 8.42
N GLN A 27 21.81 2.61 7.60
CA GLN A 27 23.13 2.25 8.05
C GLN A 27 23.81 3.48 8.65
N GLY A 28 24.30 3.35 9.89
CA GLY A 28 25.06 4.39 10.57
C GLY A 28 24.19 5.46 11.21
N HIS A 29 22.85 5.43 11.03
CA HIS A 29 22.02 6.44 11.64
C HIS A 29 21.89 6.14 13.13
N PRO A 30 22.18 7.11 14.00
CA PRO A 30 22.15 6.85 15.45
C PRO A 30 20.79 6.57 16.08
N MET A 31 19.68 6.94 15.43
CA MET A 31 18.38 6.72 16.00
C MET A 31 17.94 5.27 15.73
N LYS A 32 17.72 4.51 16.82
CA LYS A 32 17.46 3.08 16.76
C LYS A 32 16.14 2.78 17.47
N PRO A 33 15.05 2.73 16.73
CA PRO A 33 13.73 2.35 17.31
C PRO A 33 13.76 1.05 18.12
N HIS A 34 14.65 0.15 17.78
CA HIS A 34 14.87 -1.11 18.56
C HIS A 34 15.02 -0.84 20.07
N ARG A 35 15.54 0.33 20.44
CA ARG A 35 15.74 0.62 21.87
C ARG A 35 14.39 0.59 22.61
N ILE A 36 13.28 0.87 21.90
CA ILE A 36 11.95 0.85 22.54
C ILE A 36 11.55 -0.59 22.86
N ARG A 37 11.86 -1.50 21.96
CA ARG A 37 11.65 -2.93 22.18
C ARG A 37 12.55 -3.45 23.30
N MET A 38 13.79 -2.97 23.39
CA MET A 38 14.68 -3.40 24.47
C MET A 38 14.10 -2.95 25.81
N THR A 39 13.62 -1.70 25.84
CA THR A 39 13.00 -1.13 27.01
C THR A 39 11.83 -2.02 27.43
N HIS A 40 10.95 -2.31 26.47
CA HIS A 40 9.77 -3.10 26.72
C HIS A 40 10.11 -4.49 27.30
N ASN A 41 11.06 -5.13 26.65
CA ASN A 41 11.44 -6.45 27.05
C ASN A 41 12.04 -6.44 28.46
N LEU A 42 12.81 -5.41 28.77
CA LEU A 42 13.41 -5.36 30.09
C LEU A 42 12.31 -5.17 31.15
N LEU A 43 11.40 -4.24 30.94
CA LEU A 43 10.42 -3.99 31.99
C LEU A 43 9.43 -5.16 32.10
N LEU A 44 9.12 -5.91 31.01
CA LEU A 44 8.32 -7.11 31.14
C LEU A 44 9.04 -8.12 32.03
N ASN A 45 10.36 -8.24 31.84
CA ASN A 45 11.11 -9.20 32.58
C ASN A 45 11.24 -8.81 34.05
N TYR A 46 11.06 -7.53 34.37
CA TYR A 46 11.01 -7.14 35.78
C TYR A 46 9.60 -7.39 36.37
N GLY A 47 8.63 -7.75 35.54
CA GLY A 47 7.29 -8.03 36.03
C GLY A 47 6.38 -6.83 36.07
N LEU A 48 6.76 -5.71 35.45
CA LEU A 48 5.98 -4.46 35.62
C LEU A 48 4.62 -4.55 34.92
N TYR A 49 4.43 -5.50 34.01
CA TYR A 49 3.13 -5.69 33.36
C TYR A 49 2.07 -6.09 34.39
N ARG A 50 2.47 -6.57 35.56
CA ARG A 50 1.51 -7.01 36.56
C ARG A 50 0.81 -5.81 37.19
N LYS A 51 1.40 -4.62 37.07
CA LYS A 51 1.00 -3.45 37.82
C LYS A 51 0.42 -2.38 36.89
N MET A 52 0.41 -2.60 35.58
CA MET A 52 -0.10 -1.53 34.70
C MET A 52 -0.87 -2.15 33.53
N GLU A 53 -1.71 -1.34 32.90
CA GLU A 53 -2.46 -1.78 31.74
C GLU A 53 -1.59 -1.49 30.51
N ILE A 54 -1.42 -2.48 29.63
CA ILE A 54 -0.61 -2.30 28.45
C ILE A 54 -1.56 -2.30 27.23
N TYR A 55 -1.46 -1.24 26.45
CA TYR A 55 -2.29 -1.02 25.29
C TYR A 55 -1.42 -0.96 24.04
N ARG A 56 -1.95 -1.49 22.96
CA ARG A 56 -1.34 -1.27 21.65
C ARG A 56 -2.01 -0.07 20.98
N PRO A 57 -1.22 0.95 20.66
CA PRO A 57 -1.83 2.18 20.12
C PRO A 57 -2.42 1.94 18.72
N HIS A 58 -3.45 2.70 18.33
CA HIS A 58 -3.84 2.70 16.95
C HIS A 58 -2.81 3.44 16.11
N LYS A 59 -2.92 3.23 14.81
CA LYS A 59 -2.13 4.01 13.84
C LYS A 59 -2.83 5.34 13.59
N ALA A 60 -2.24 6.44 14.04
CA ALA A 60 -2.83 7.75 13.87
C ALA A 60 -3.05 8.04 12.38
N THR A 61 -4.19 8.63 12.05
CA THR A 61 -4.51 8.90 10.67
C THR A 61 -3.99 10.28 10.23
N ALA A 62 -4.03 10.47 8.92
CA ALA A 62 -3.73 11.81 8.33
C ALA A 62 -4.65 12.88 8.93
N GLU A 63 -5.93 12.56 9.16
CA GLU A 63 -6.86 13.49 9.83
C GLU A 63 -6.28 13.90 11.19
N GLU A 64 -5.79 12.93 11.97
CA GLU A 64 -5.32 13.23 13.29
C GLU A 64 -4.09 14.14 13.20
N MET A 65 -3.20 13.84 12.24
CA MET A 65 -1.93 14.55 12.17
C MET A 65 -2.13 15.99 11.68
N THR A 66 -3.16 16.24 10.88
CA THR A 66 -3.35 17.59 10.34
C THR A 66 -4.12 18.50 11.32
N LYS A 67 -4.35 18.02 12.55
CA LYS A 67 -4.76 18.96 13.63
C LYS A 67 -3.63 19.96 13.91
N TYR A 68 -2.39 19.59 13.57
CA TYR A 68 -1.27 20.52 13.66
C TYR A 68 -0.53 20.66 12.32
N HIS A 69 -0.18 19.56 11.69
CA HIS A 69 0.68 19.63 10.53
C HIS A 69 -0.09 20.04 9.28
N SER A 70 0.63 20.60 8.30
CA SER A 70 -0.05 21.02 7.04
C SER A 70 -0.47 19.80 6.22
N ASP A 71 -1.58 19.94 5.51
CA ASP A 71 -2.03 18.92 4.57
C ASP A 71 -0.91 18.49 3.59
N GLU A 72 -0.15 19.44 3.07
CA GLU A 72 0.85 19.15 2.02
C GLU A 72 1.98 18.29 2.58
N TYR A 73 2.38 18.62 3.80
CA TYR A 73 3.49 17.91 4.45
C TYR A 73 3.06 16.48 4.78
N ILE A 74 1.85 16.32 5.32
CA ILE A 74 1.37 14.97 5.66
C ILE A 74 1.13 14.15 4.38
N LYS A 75 0.56 14.74 3.34
CA LYS A 75 0.42 14.04 2.04
C LYS A 75 1.79 13.55 1.57
N PHE A 76 2.83 14.38 1.73
CA PHE A 76 4.18 13.98 1.31
C PHE A 76 4.65 12.80 2.17
N LEU A 77 4.51 12.89 3.50
CA LEU A 77 5.03 11.81 4.35
C LEU A 77 4.31 10.48 4.03
N ARG A 78 3.05 10.55 3.68
CA ARG A 78 2.21 9.34 3.41
C ARG A 78 2.58 8.73 2.04
N SER A 79 3.30 9.48 1.18
CA SER A 79 3.57 9.09 -0.24
C SER A 79 5.04 8.69 -0.46
N ILE A 80 5.96 9.27 0.29
CA ILE A 80 7.39 9.16 -0.05
C ILE A 80 7.89 7.77 0.40
N ARG A 81 8.67 7.12 -0.45
CA ARG A 81 9.22 5.80 -0.19
C ARG A 81 10.62 5.69 -0.81
N PRO A 82 11.46 4.78 -0.31
CA PRO A 82 12.77 4.60 -0.96
C PRO A 82 12.70 4.32 -2.46
N ASP A 83 11.64 3.67 -2.94
CA ASP A 83 11.55 3.36 -4.37
C ASP A 83 11.08 4.54 -5.25
N ASN A 84 10.52 5.60 -4.68
CA ASN A 84 10.04 6.72 -5.50
C ASN A 84 10.75 8.03 -5.14
N MET A 85 11.80 7.97 -4.32
CA MET A 85 12.51 9.16 -3.79
C MET A 85 13.04 10.05 -4.90
N SER A 86 13.53 9.44 -5.98
CA SER A 86 14.17 10.19 -7.03
C SER A 86 13.15 11.14 -7.68
N GLU A 87 11.88 10.77 -7.63
CA GLU A 87 10.80 11.58 -8.24
C GLU A 87 10.38 12.73 -7.31
N TYR A 88 10.90 12.78 -6.07
CA TYR A 88 10.43 13.72 -5.06
C TYR A 88 11.59 14.61 -4.57
N SER A 89 12.63 14.82 -5.37
CA SER A 89 13.83 15.50 -4.83
C SER A 89 13.49 16.92 -4.34
N LYS A 90 12.61 17.62 -5.04
CA LYS A 90 12.21 18.98 -4.67
C LYS A 90 11.46 19.00 -3.34
N GLN A 91 10.50 18.07 -3.19
CA GLN A 91 9.65 18.03 -2.01
C GLN A 91 10.50 17.62 -0.79
N MET A 92 11.45 16.72 -1.01
CA MET A 92 12.29 16.26 0.07
C MET A 92 13.04 17.46 0.67
N GLN A 93 13.55 18.33 -0.19
CA GLN A 93 14.30 19.51 0.32
C GLN A 93 13.36 20.48 1.04
N ARG A 94 12.20 20.74 0.45
CA ARG A 94 11.20 21.63 1.03
C ARG A 94 10.85 21.18 2.45
N PHE A 95 10.75 19.87 2.67
CA PHE A 95 10.25 19.32 3.93
C PHE A 95 11.37 18.77 4.84
N ASN A 96 12.61 18.99 4.41
CA ASN A 96 13.80 18.65 5.18
C ASN A 96 13.86 17.14 5.41
N VAL A 97 13.53 16.37 4.38
CA VAL A 97 13.63 14.95 4.49
C VAL A 97 14.75 14.48 3.55
N GLY A 98 15.51 13.46 3.97
CA GLY A 98 16.45 12.78 3.06
C GLY A 98 17.88 12.71 3.57
N GLU A 99 18.20 13.41 4.66
CA GLU A 99 19.55 13.39 5.25
C GLU A 99 19.45 12.96 6.72
N ASP A 100 19.44 13.91 7.67
CA ASP A 100 19.19 13.64 9.09
C ASP A 100 17.88 12.94 9.34
N CYS A 101 16.89 13.25 8.51
CA CYS A 101 15.57 12.68 8.60
C CYS A 101 15.34 11.87 7.33
N PRO A 102 15.90 10.64 7.25
CA PRO A 102 15.91 9.91 6.02
C PRO A 102 14.54 9.33 5.64
N VAL A 103 14.45 8.96 4.37
CA VAL A 103 13.35 8.14 3.90
C VAL A 103 13.72 6.70 4.22
N PHE A 104 12.90 6.01 4.99
CA PHE A 104 13.15 4.58 5.25
C PHE A 104 11.84 3.81 5.01
N ASP A 105 11.97 2.50 4.86
CA ASP A 105 10.81 1.65 4.68
C ASP A 105 9.91 1.75 5.90
N GLY A 106 8.65 2.08 5.66
CA GLY A 106 7.68 2.15 6.72
C GLY A 106 7.69 3.44 7.50
N LEU A 107 8.36 4.47 6.96
CA LEU A 107 8.44 5.79 7.64
C LEU A 107 7.07 6.25 8.13
N PHE A 108 6.07 6.24 7.26
CA PHE A 108 4.79 6.83 7.69
C PHE A 108 4.19 5.97 8.81
N GLU A 109 4.26 4.63 8.71
CA GLU A 109 3.74 3.76 9.78
C GLU A 109 4.45 4.02 11.11
N PHE A 110 5.77 4.26 11.10
CA PHE A 110 6.49 4.63 12.30
C PHE A 110 5.88 5.91 12.91
N CYS A 111 5.61 6.91 12.06
CA CYS A 111 5.01 8.14 12.51
C CYS A 111 3.62 7.85 13.15
N GLN A 112 2.87 6.99 12.48
CA GLN A 112 1.52 6.67 12.93
C GLN A 112 1.53 5.98 14.31
N LEU A 113 2.49 5.10 14.56
CA LEU A 113 2.57 4.38 15.85
C LEU A 113 3.09 5.29 16.97
N SER A 114 4.13 6.06 16.66
CA SER A 114 4.69 7.02 17.58
C SER A 114 3.57 7.99 18.03
N THR A 115 2.88 8.56 17.06
CA THR A 115 1.83 9.52 17.34
C THR A 115 0.64 8.85 18.01
N GLY A 116 0.24 7.68 17.52
CA GLY A 116 -0.95 7.02 18.07
C GLY A 116 -0.84 6.79 19.57
N GLY A 117 0.34 6.42 20.04
CA GLY A 117 0.55 6.21 21.50
C GLY A 117 0.32 7.48 22.31
N SER A 118 0.81 8.59 21.80
CA SER A 118 0.74 9.84 22.53
C SER A 118 -0.71 10.35 22.55
N VAL A 119 -1.36 10.31 21.41
CA VAL A 119 -2.73 10.80 21.34
CA VAL A 119 -2.74 10.84 21.38
C VAL A 119 -3.66 9.86 22.11
N ALA A 120 -3.45 8.55 22.00
CA ALA A 120 -4.26 7.57 22.75
C ALA A 120 -4.10 7.83 24.27
N GLY A 121 -2.87 8.07 24.71
CA GLY A 121 -2.61 8.38 26.12
C GLY A 121 -3.36 9.62 26.56
N ALA A 122 -3.31 10.67 25.74
CA ALA A 122 -4.01 11.92 26.05
C ALA A 122 -5.51 11.71 26.15
N VAL A 123 -6.10 10.92 25.23
CA VAL A 123 -7.53 10.65 25.30
C VAL A 123 -7.89 9.94 26.62
N LYS A 124 -7.07 8.97 27.00
CA LYS A 124 -7.31 8.21 28.23
C LYS A 124 -7.26 9.13 29.46
N LEU A 125 -6.32 10.07 29.46
CA LEU A 125 -6.21 11.07 30.54
C LEU A 125 -7.44 11.98 30.53
N ASN A 126 -7.86 12.44 29.35
CA ASN A 126 -9.03 13.29 29.24
C ASN A 126 -10.30 12.61 29.77
N ARG A 127 -10.39 11.29 29.57
CA ARG A 127 -11.56 10.54 29.99
C ARG A 127 -11.49 10.15 31.48
N GLN A 128 -10.40 10.57 32.14
CA GLN A 128 -10.19 10.29 33.57
C GLN A 128 -10.18 8.76 33.80
N GLN A 129 -9.62 8.00 32.87
CA GLN A 129 -9.56 6.56 32.97
C GLN A 129 -8.15 6.12 33.39
N THR A 130 -7.24 7.07 33.53
CA THR A 130 -5.92 6.78 34.05
C THR A 130 -5.38 8.06 34.70
N ASP A 131 -4.39 7.88 35.57
CA ASP A 131 -3.63 9.00 36.15
C ASP A 131 -2.39 9.37 35.34
N MET A 132 -1.72 8.34 34.79
CA MET A 132 -0.56 8.52 34.00
C MET A 132 -0.68 7.68 32.72
N ALA A 133 -0.17 8.20 31.62
CA ALA A 133 -0.06 7.44 30.36
C ALA A 133 1.39 7.51 29.93
N VAL A 134 1.93 6.42 29.40
CA VAL A 134 3.31 6.33 29.04
C VAL A 134 3.43 5.89 27.57
N ASN A 135 4.22 6.61 26.80
CA ASN A 135 4.49 6.26 25.41
C ASN A 135 5.97 6.47 25.12
N TRP A 136 6.79 5.45 25.34
CA TRP A 136 8.21 5.63 25.15
C TRP A 136 8.59 5.79 23.67
N ALA A 137 7.72 5.42 22.73
CA ALA A 137 7.96 5.66 21.30
C ALA A 137 7.63 7.09 20.86
N GLY A 138 7.15 7.91 21.77
CA GLY A 138 6.84 9.31 21.49
C GLY A 138 7.95 10.26 21.95
N GLY A 139 7.62 11.55 21.97
CA GLY A 139 8.56 12.56 22.40
C GLY A 139 9.32 13.23 21.26
N LEU A 140 8.75 13.28 20.06
CA LEU A 140 9.49 13.74 18.87
C LEU A 140 9.38 15.27 18.74
N HIS A 141 10.11 15.92 19.62
CA HIS A 141 9.89 17.34 19.97
C HIS A 141 10.37 18.34 18.89
N HIS A 142 11.10 17.92 17.86
CA HIS A 142 11.66 18.87 16.90
C HIS A 142 10.77 19.03 15.66
N ALA A 143 9.81 18.12 15.40
CA ALA A 143 9.06 18.19 14.14
C ALA A 143 8.27 19.50 14.10
N LYS A 144 8.17 20.12 12.93
CA LYS A 144 7.53 21.40 12.76
C LYS A 144 6.25 21.25 11.93
N LYS A 145 5.45 22.30 11.85
CA LYS A 145 4.17 22.22 11.14
C LYS A 145 4.36 21.63 9.73
N SER A 146 5.37 22.09 9.00
CA SER A 146 5.54 21.68 7.61
C SER A 146 6.97 21.23 7.34
N GLU A 147 7.64 20.66 8.33
CA GLU A 147 9.03 20.33 8.16
C GLU A 147 9.47 19.25 9.16
N ALA A 148 10.18 18.23 8.68
CA ALA A 148 10.91 17.31 9.53
C ALA A 148 12.14 18.02 10.14
N SER A 149 12.55 17.54 11.32
CA SER A 149 13.75 18.08 11.95
C SER A 149 14.27 17.11 13.01
N GLY A 150 15.59 16.98 13.10
CA GLY A 150 16.15 16.34 14.29
C GLY A 150 15.68 14.88 14.47
N PHE A 151 15.59 14.17 13.35
CA PHE A 151 15.16 12.77 13.27
C PHE A 151 13.64 12.63 13.50
N CYS A 152 12.91 13.72 13.61
CA CYS A 152 11.47 13.75 13.88
C CYS A 152 10.68 14.12 12.62
N TYR A 153 9.54 13.48 12.38
CA TYR A 153 8.72 13.81 11.23
C TYR A 153 7.37 14.38 11.67
N VAL A 154 6.73 13.74 12.64
CA VAL A 154 5.41 14.17 13.11
C VAL A 154 5.53 14.48 14.60
N ASN A 155 5.02 15.63 15.00
CA ASN A 155 5.19 16.07 16.40
C ASN A 155 4.07 15.47 17.25
N ASP A 156 4.30 14.26 17.77
CA ASP A 156 3.31 13.55 18.57
C ASP A 156 2.96 14.35 19.82
N ILE A 157 3.91 15.12 20.32
CA ILE A 157 3.76 15.90 21.55
C ILE A 157 2.74 17.00 21.32
N VAL A 158 2.92 17.75 20.25
CA VAL A 158 2.00 18.82 19.93
C VAL A 158 0.59 18.25 19.74
N LEU A 159 0.47 17.15 19.01
CA LEU A 159 -0.83 16.53 18.80
C LEU A 159 -1.46 16.08 20.12
N ALA A 160 -0.66 15.51 21.02
CA ALA A 160 -1.20 15.05 22.32
C ALA A 160 -1.65 16.25 23.14
N ILE A 161 -0.89 17.33 23.10
CA ILE A 161 -1.27 18.56 23.87
C ILE A 161 -2.55 19.15 23.30
N LEU A 162 -2.68 19.18 21.98
CA LEU A 162 -3.92 19.68 21.41
C LEU A 162 -5.11 18.82 21.87
N GLU A 163 -4.92 17.51 22.00
CA GLU A 163 -5.96 16.62 22.54
C GLU A 163 -6.28 17.02 23.98
N LEU A 164 -5.26 17.18 24.81
CA LEU A 164 -5.49 17.58 26.22
C LEU A 164 -6.22 18.93 26.31
N LEU A 165 -5.89 19.85 25.42
CA LEU A 165 -6.53 21.19 25.47
C LEU A 165 -8.03 21.11 25.20
N LYS A 166 -8.56 19.99 24.71
CA LYS A 166 -10.02 19.89 24.58
C LYS A 166 -10.69 19.92 25.97
N TYR A 167 -10.00 19.43 26.99
CA TYR A 167 -10.60 19.32 28.33
C TYR A 167 -9.81 20.09 29.41
N HIS A 168 -8.63 20.60 29.09
CA HIS A 168 -7.76 21.30 30.06
C HIS A 168 -7.46 22.73 29.60
N GLN A 169 -7.76 23.72 30.45
CA GLN A 169 -7.54 25.09 30.08
C GLN A 169 -6.05 25.38 29.94
N ARG A 170 -5.21 24.79 30.82
CA ARG A 170 -3.77 25.04 30.84
C ARG A 170 -3.02 23.72 30.93
N VAL A 171 -2.06 23.55 30.04
CA VAL A 171 -1.25 22.35 29.97
C VAL A 171 0.21 22.76 30.09
N LEU A 172 0.94 22.02 30.93
CA LEU A 172 2.38 22.23 31.13
C LEU A 172 3.17 21.15 30.42
N TYR A 173 4.14 21.58 29.63
CA TYR A 173 5.06 20.73 28.94
C TYR A 173 6.45 20.91 29.57
N ILE A 174 7.07 19.81 29.95
CA ILE A 174 8.43 19.79 30.55
C ILE A 174 9.31 18.85 29.73
N ASP A 175 10.50 19.30 29.40
CA ASP A 175 11.37 18.56 28.49
C ASP A 175 12.76 18.40 29.09
N ILE A 176 13.13 17.18 29.47
CA ILE A 176 14.46 16.92 30.05
C ILE A 176 15.38 16.19 29.08
N ASP A 177 14.98 16.03 27.83
CA ASP A 177 15.89 15.63 26.76
C ASP A 177 17.07 16.64 26.77
N ILE A 178 18.28 16.22 26.41
CA ILE A 178 19.39 17.13 26.33
C ILE A 178 19.17 18.23 25.29
N HIS A 179 18.29 18.03 24.29
CA HIS A 179 18.08 19.01 23.25
C HIS A 179 16.88 19.89 23.62
N HIS A 180 16.92 21.11 23.10
CA HIS A 180 15.81 22.04 23.25
C HIS A 180 14.56 21.54 22.52
N GLY A 181 13.40 21.53 23.18
CA GLY A 181 12.14 21.12 22.59
C GLY A 181 11.56 22.18 21.69
N ASP A 182 12.26 22.47 20.61
CA ASP A 182 11.94 23.64 19.77
C ASP A 182 10.62 23.54 19.04
N GLY A 183 10.25 22.36 18.59
CA GLY A 183 9.00 22.21 17.86
C GLY A 183 7.78 22.42 18.73
N VAL A 184 7.83 21.94 19.97
CA VAL A 184 6.73 22.13 20.93
C VAL A 184 6.66 23.61 21.32
N GLU A 185 7.82 24.17 21.61
CA GLU A 185 7.88 25.59 21.96
C GLU A 185 7.28 26.44 20.84
N GLU A 186 7.66 26.18 19.58
CA GLU A 186 7.21 26.97 18.44
C GLU A 186 5.68 26.89 18.29
N ALA A 187 5.14 25.68 18.43
CA ALA A 187 3.72 25.47 18.22
C ALA A 187 2.92 26.32 19.20
N PHE A 188 3.42 26.47 20.42
CA PHE A 188 2.66 27.08 21.51
C PHE A 188 3.22 28.44 21.92
N TYR A 189 4.10 29.02 21.10
CA TYR A 189 4.88 30.20 21.51
C TYR A 189 3.99 31.41 21.79
N THR A 190 2.82 31.48 21.14
CA THR A 190 2.00 32.66 21.23
C THR A 190 0.71 32.39 22.00
N THR A 191 0.65 31.30 22.77
CA THR A 191 -0.52 31.05 23.62
C THR A 191 -0.09 30.87 25.09
N ASP A 192 -0.96 31.33 25.97
CA ASP A 192 -0.85 31.09 27.39
C ASP A 192 -1.52 29.79 27.85
N ARG A 193 -2.15 29.05 26.93
CA ARG A 193 -2.80 27.75 27.29
C ARG A 193 -1.81 26.61 27.37
N VAL A 194 -0.60 26.81 26.89
CA VAL A 194 0.47 25.82 27.10
C VAL A 194 1.72 26.56 27.54
N MET A 195 2.30 26.14 28.64
CA MET A 195 3.56 26.66 29.06
C MET A 195 4.58 25.58 28.71
N THR A 196 5.66 25.96 28.04
CA THR A 196 6.69 25.00 27.73
C THR A 196 7.95 25.30 28.55
N VAL A 197 8.53 24.26 29.13
CA VAL A 197 9.71 24.39 29.98
C VAL A 197 10.75 23.38 29.52
N SER A 198 11.85 23.87 28.96
CA SER A 198 12.88 22.98 28.47
C SER A 198 14.20 23.24 29.19
N PHE A 199 14.83 22.14 29.60
CA PHE A 199 16.19 22.12 30.12
C PHE A 199 17.06 21.49 29.03
N HIS A 200 18.19 22.08 28.66
CA HIS A 200 18.91 21.54 27.49
C HIS A 200 20.31 22.13 27.45
N LYS A 201 21.17 21.40 26.79
CA LYS A 201 22.46 21.92 26.43
C LYS A 201 22.29 23.05 25.41
N TYR A 202 23.02 24.14 25.62
CA TYR A 202 22.90 25.32 24.79
C TYR A 202 24.31 25.83 24.48
N GLY A 203 24.59 26.02 23.19
CA GLY A 203 25.86 26.52 22.69
C GLY A 203 26.51 25.56 21.70
N GLU A 204 26.56 25.91 20.43
CA GLU A 204 27.17 25.01 19.41
C GLU A 204 26.57 23.60 19.57
N TYR A 205 25.25 23.55 19.55
CA TYR A 205 24.55 22.29 19.77
C TYR A 205 23.16 22.38 19.14
N PHE A 206 22.73 21.28 18.52
CA PHE A 206 21.41 21.18 17.92
C PHE A 206 20.31 21.45 18.96
N PRO A 207 19.25 22.18 18.61
CA PRO A 207 18.97 22.81 17.32
C PRO A 207 19.41 24.28 17.19
N GLY A 208 20.04 24.81 18.23
CA GLY A 208 20.56 26.17 18.20
C GLY A 208 19.64 27.18 18.86
N THR A 209 18.51 26.73 19.35
CA THR A 209 17.48 27.56 19.95
C THR A 209 17.42 27.27 21.45
N GLY A 210 16.55 27.99 22.16
CA GLY A 210 16.43 27.73 23.59
C GLY A 210 17.29 28.64 24.46
N ASP A 211 17.55 29.85 23.99
CA ASP A 211 18.21 30.87 24.81
C ASP A 211 17.28 31.21 26.00
N LEU A 212 17.89 31.53 27.15
CA LEU A 212 17.25 32.09 28.36
C LEU A 212 16.24 33.19 27.99
N ARG A 213 16.59 33.97 26.97
CA ARG A 213 15.86 35.18 26.65
C ARG A 213 14.69 34.88 25.72
N ASP A 214 14.51 33.65 25.28
CA ASP A 214 13.32 33.29 24.50
C ASP A 214 12.20 32.94 25.50
N ILE A 215 11.20 33.80 25.63
CA ILE A 215 10.25 33.69 26.72
C ILE A 215 8.81 33.60 26.19
N GLY A 216 8.61 33.47 24.88
CA GLY A 216 7.28 33.52 24.28
C GLY A 216 6.96 34.89 23.70
N ALA A 217 5.80 34.96 23.05
CA ALA A 217 5.37 36.18 22.37
C ALA A 217 3.85 36.31 22.41
N GLY A 218 3.41 37.56 22.33
CA GLY A 218 2.00 37.85 22.37
C GLY A 218 1.38 37.40 23.69
N LYS A 219 0.23 36.76 23.61
CA LYS A 219 -0.44 36.21 24.80
C LYS A 219 0.43 35.14 25.45
N GLY A 220 1.35 34.58 24.67
CA GLY A 220 2.27 33.58 25.20
C GLY A 220 3.53 34.17 25.82
N LYS A 221 3.66 35.48 25.90
CA LYS A 221 4.89 36.06 26.55
C LYS A 221 4.89 35.63 28.03
N TYR A 222 6.03 35.08 28.45
CA TYR A 222 6.31 34.55 29.79
C TYR A 222 5.87 33.09 29.92
N TYR A 223 5.33 32.48 28.86
CA TYR A 223 4.86 31.09 28.94
C TYR A 223 5.79 30.14 28.19
N ALA A 224 6.97 30.62 27.77
CA ALA A 224 8.07 29.72 27.39
C ALA A 224 9.24 29.96 28.34
N VAL A 225 9.79 28.86 28.83
CA VAL A 225 10.85 28.88 29.81
C VAL A 225 11.96 27.99 29.28
N ASN A 226 13.15 28.56 29.23
CA ASN A 226 14.33 27.84 28.73
C ASN A 226 15.45 27.92 29.76
N PHE A 227 15.99 26.75 30.14
CA PHE A 227 17.13 26.65 31.03
C PHE A 227 18.34 26.13 30.25
N PRO A 228 19.17 27.06 29.72
CA PRO A 228 20.35 26.65 28.99
C PRO A 228 21.49 26.14 29.89
N MET A 229 22.11 25.03 29.51
CA MET A 229 23.13 24.36 30.32
CA MET A 229 23.13 24.39 30.33
C MET A 229 24.38 24.10 29.47
N ARG A 230 25.48 23.88 30.16
CA ARG A 230 26.78 23.53 29.59
C ARG A 230 27.03 22.04 29.75
N ASP A 231 28.14 21.58 29.16
CA ASP A 231 28.50 20.18 29.29
C ASP A 231 28.65 19.72 30.73
N GLY A 232 28.28 18.46 30.99
CA GLY A 232 28.78 17.78 32.19
C GLY A 232 27.88 17.93 33.41
N ILE A 233 26.66 18.43 33.25
CA ILE A 233 25.77 18.57 34.42
C ILE A 233 25.56 17.19 35.04
N ASP A 234 25.53 17.19 36.36
CA ASP A 234 25.47 15.97 37.14
C ASP A 234 24.19 15.97 37.97
N ASP A 235 23.95 14.87 38.67
CA ASP A 235 22.67 14.67 39.35
C ASP A 235 22.39 15.79 40.40
N GLU A 236 23.42 16.12 41.16
CA GLU A 236 23.29 17.14 42.22
C GLU A 236 22.94 18.49 41.61
N SER A 237 23.66 18.91 40.57
CA SER A 237 23.39 20.23 39.94
C SER A 237 21.99 20.26 39.33
N TYR A 238 21.62 19.18 38.64
CA TYR A 238 20.30 19.17 37.99
C TYR A 238 19.20 19.19 39.07
N GLY A 239 19.36 18.38 40.11
CA GLY A 239 18.31 18.21 41.13
C GLY A 239 18.01 19.51 41.85
N GLN A 240 19.05 20.27 42.03
CA GLN A 240 19.02 21.53 42.75
C GLN A 240 18.26 22.61 41.98
N ILE A 241 18.12 22.52 40.67
CA ILE A 241 17.34 23.53 40.00
C ILE A 241 15.99 22.97 39.52
N PHE A 242 15.87 21.67 39.30
CA PHE A 242 14.65 21.19 38.66
C PHE A 242 13.46 21.34 39.61
N LYS A 243 13.58 20.83 40.82
CA LYS A 243 12.45 20.90 41.77
C LYS A 243 12.02 22.35 42.03
N PRO A 244 12.96 23.26 42.35
CA PRO A 244 12.50 24.66 42.53
C PRO A 244 11.86 25.30 41.29
N ILE A 245 12.39 25.06 40.09
CA ILE A 245 11.80 25.65 38.90
CA ILE A 245 11.77 25.67 38.92
C ILE A 245 10.38 25.06 38.70
N ILE A 246 10.27 23.74 38.75
CA ILE A 246 8.96 23.15 38.46
C ILE A 246 7.98 23.56 39.57
N SER A 247 8.42 23.59 40.83
CA SER A 247 7.51 24.04 41.92
C SER A 247 6.98 25.46 41.65
N LYS A 248 7.87 26.37 41.23
CA LYS A 248 7.46 27.74 40.96
C LYS A 248 6.51 27.80 39.77
N VAL A 249 6.85 27.06 38.72
CA VAL A 249 5.96 26.94 37.54
C VAL A 249 4.59 26.42 37.97
N MET A 250 4.56 25.36 38.77
CA MET A 250 3.27 24.81 39.24
C MET A 250 2.49 25.87 40.01
N GLU A 251 3.15 26.62 40.89
CA GLU A 251 2.51 27.58 41.75
C GLU A 251 1.91 28.71 40.91
N MET A 252 2.68 29.21 39.94
CA MET A 252 2.31 30.39 39.19
C MET A 252 1.35 30.05 38.04
N TYR A 253 1.56 28.93 37.34
CA TYR A 253 0.79 28.57 36.12
C TYR A 253 -0.44 27.72 36.47
N GLN A 254 -0.38 26.90 37.51
CA GLN A 254 -1.52 26.07 37.93
C GLN A 254 -2.12 25.26 36.74
N PRO A 255 -1.30 24.43 36.11
CA PRO A 255 -1.77 23.63 34.98
C PRO A 255 -2.74 22.54 35.48
N SER A 256 -3.61 22.02 34.62
CA SER A 256 -4.45 20.89 35.04
C SER A 256 -4.00 19.58 34.39
N ALA A 257 -3.04 19.64 33.48
CA ALA A 257 -2.39 18.45 32.94
C ALA A 257 -0.94 18.75 32.58
N VAL A 258 -0.13 17.69 32.57
CA VAL A 258 1.32 17.81 32.34
C VAL A 258 1.76 16.77 31.31
N VAL A 259 2.68 17.22 30.43
CA VAL A 259 3.36 16.32 29.53
C VAL A 259 4.85 16.40 29.83
N LEU A 260 5.46 15.25 30.08
CA LEU A 260 6.88 15.19 30.42
C LEU A 260 7.62 14.36 29.38
N GLN A 261 8.51 15.02 28.64
CA GLN A 261 9.38 14.40 27.64
C GLN A 261 10.64 13.98 28.40
N CYS A 262 10.91 12.67 28.37
CA CYS A 262 11.93 12.03 29.19
C CYS A 262 13.12 11.56 28.36
N GLY A 263 13.50 12.32 27.35
CA GLY A 263 14.62 11.88 26.50
C GLY A 263 15.84 11.52 27.32
N ALA A 264 16.42 10.36 26.98
CA ALA A 264 17.47 9.71 27.78
C ALA A 264 18.87 10.09 27.27
N ASP A 265 18.94 11.03 26.32
CA ASP A 265 20.20 11.52 25.81
C ASP A 265 20.87 12.49 26.78
N SER A 266 20.20 12.80 27.89
CA SER A 266 20.77 13.59 28.97
C SER A 266 21.52 12.72 29.98
N LEU A 267 21.60 11.40 29.77
CA LEU A 267 22.39 10.51 30.61
C LEU A 267 23.89 10.52 30.30
N SER A 268 24.64 10.33 31.39
CA SER A 268 26.03 10.02 31.30
C SER A 268 26.28 8.93 30.26
N GLY A 269 27.28 9.14 29.42
CA GLY A 269 27.74 8.14 28.47
C GLY A 269 26.92 8.09 27.20
N ASP A 270 26.00 9.02 26.97
CA ASP A 270 25.19 8.93 25.77
C ASP A 270 26.07 9.21 24.56
N ARG A 271 25.87 8.48 23.46
CA ARG A 271 26.75 8.63 22.30
C ARG A 271 26.70 10.02 21.69
N LEU A 272 25.58 10.72 21.78
CA LEU A 272 25.44 12.03 21.17
C LEU A 272 25.39 13.15 22.23
N GLY A 273 25.19 12.80 23.48
CA GLY A 273 24.97 13.80 24.53
C GLY A 273 26.25 14.21 25.22
N CYS A 274 26.17 15.21 26.07
CA CYS A 274 27.35 15.63 26.78
C CYS A 274 27.03 15.94 28.25
N PHE A 275 25.96 15.34 28.79
CA PHE A 275 25.63 15.50 30.20
C PHE A 275 26.16 14.32 30.99
N ASN A 276 25.98 14.39 32.32
CA ASN A 276 26.57 13.38 33.19
C ASN A 276 25.52 12.92 34.24
N LEU A 277 24.26 12.82 33.86
CA LEU A 277 23.20 12.33 34.78
C LEU A 277 23.23 10.81 34.86
N THR A 278 22.92 10.29 36.05
CA THR A 278 22.61 8.86 36.19
C THR A 278 21.12 8.62 35.91
N VAL A 279 20.75 7.35 35.85
CA VAL A 279 19.35 6.97 35.75
C VAL A 279 18.58 7.49 36.98
N LYS A 280 19.16 7.37 38.17
CA LYS A 280 18.47 7.92 39.36
C LYS A 280 18.27 9.44 39.25
N GLY A 281 19.28 10.16 38.77
CA GLY A 281 19.17 11.61 38.63
C GLY A 281 18.14 12.03 37.62
N HIS A 282 18.06 11.30 36.50
CA HIS A 282 17.08 11.59 35.47
C HIS A 282 15.69 11.31 36.04
N ALA A 283 15.56 10.17 36.71
CA ALA A 283 14.25 9.71 37.17
C ALA A 283 13.72 10.57 38.33
N LYS A 284 14.62 11.25 39.04
CA LYS A 284 14.21 12.20 40.08
C LYS A 284 13.26 13.23 39.48
N CYS A 285 13.45 13.57 38.20
CA CYS A 285 12.54 14.51 37.52
C CYS A 285 11.13 13.95 37.43
N VAL A 286 11.00 12.66 37.12
CA VAL A 286 9.68 12.04 37.05
C VAL A 286 9.06 12.04 38.45
N GLU A 287 9.86 11.69 39.44
CA GLU A 287 9.37 11.72 40.83
C GLU A 287 8.83 13.12 41.20
N VAL A 288 9.59 14.17 40.87
CA VAL A 288 9.17 15.54 41.21
C VAL A 288 7.83 15.88 40.55
N VAL A 289 7.69 15.55 39.27
CA VAL A 289 6.49 15.93 38.54
C VAL A 289 5.29 15.12 39.09
N LYS A 290 5.53 13.84 39.36
CA LYS A 290 4.48 12.93 39.86
C LYS A 290 3.89 13.44 41.19
N THR A 291 4.68 14.12 42.03
CA THR A 291 4.23 14.54 43.33
CA THR A 291 4.22 14.54 43.36
C THR A 291 3.08 15.57 43.23
N PHE A 292 2.96 16.29 42.11
CA PHE A 292 1.91 17.33 41.96
C PHE A 292 0.52 16.71 41.72
N ASN A 293 0.46 15.41 41.45
CA ASN A 293 -0.80 14.67 41.40
CA ASN A 293 -0.79 14.67 41.39
C ASN A 293 -1.71 15.25 40.31
N LEU A 294 -1.12 15.57 39.14
CA LEU A 294 -1.88 16.01 37.97
C LEU A 294 -1.83 14.90 36.92
N PRO A 295 -2.86 14.83 36.08
CA PRO A 295 -2.85 13.94 34.91
C PRO A 295 -1.53 14.12 34.16
N LEU A 296 -0.81 13.02 33.89
CA LEU A 296 0.54 13.12 33.38
C LEU A 296 0.75 12.17 32.19
N LEU A 297 1.22 12.72 31.07
CA LEU A 297 1.64 11.95 29.91
C LEU A 297 3.16 11.94 29.88
N MET A 298 3.75 10.75 30.01
CA MET A 298 5.20 10.58 29.99
CA MET A 298 5.20 10.58 30.00
C MET A 298 5.62 10.04 28.62
N LEU A 299 6.54 10.74 27.97
CA LEU A 299 7.00 10.39 26.63
C LEU A 299 8.50 10.12 26.61
N GLY A 300 8.89 9.42 25.56
CA GLY A 300 10.27 9.20 25.28
C GLY A 300 10.97 10.42 24.68
N GLY A 301 11.99 10.16 23.90
CA GLY A 301 12.80 11.21 23.30
C GLY A 301 14.08 10.63 22.73
N GLY A 302 15.11 11.43 22.69
CA GLY A 302 16.40 10.98 22.26
C GLY A 302 17.00 9.97 23.22
N GLY A 303 18.16 9.45 22.83
CA GLY A 303 18.89 8.45 23.60
C GLY A 303 19.57 7.47 22.67
N TYR A 304 20.91 7.34 22.80
CA TYR A 304 21.79 6.76 21.76
C TYR A 304 22.69 5.66 22.31
N THR A 305 22.86 5.58 23.62
CA THR A 305 23.56 4.43 24.21
C THR A 305 22.44 3.51 24.68
N ILE A 306 22.10 2.53 23.84
CA ILE A 306 20.75 2.01 23.96
C ILE A 306 20.56 1.18 25.22
N ARG A 307 21.60 0.52 25.74
CA ARG A 307 21.47 -0.16 27.03
C ARG A 307 21.01 0.83 28.12
N ASN A 308 21.48 2.07 28.09
CA ASN A 308 21.15 3.05 29.14
C ASN A 308 19.75 3.61 28.91
N VAL A 309 19.33 3.69 27.67
CA VAL A 309 17.98 4.13 27.38
C VAL A 309 16.99 3.11 27.99
N ALA A 310 17.23 1.83 27.73
CA ALA A 310 16.37 0.76 28.25
C ALA A 310 16.33 0.80 29.80
N ARG A 311 17.49 0.96 30.42
CA ARG A 311 17.57 1.10 31.88
C ARG A 311 16.74 2.30 32.36
N CYS A 312 16.93 3.44 31.71
CA CYS A 312 16.32 4.69 32.13
C CYS A 312 14.79 4.58 32.07
N TRP A 313 14.27 4.12 30.94
CA TRP A 313 12.82 4.12 30.77
C TRP A 313 12.19 2.97 31.58
N THR A 314 12.93 1.86 31.78
CA THR A 314 12.45 0.84 32.67
C THR A 314 12.28 1.41 34.08
N TYR A 315 13.33 2.05 34.56
CA TYR A 315 13.30 2.61 35.94
C TYR A 315 12.21 3.68 36.06
N GLU A 316 12.06 4.53 35.06
CA GLU A 316 11.03 5.57 35.13
C GLU A 316 9.62 4.99 35.04
N THR A 317 9.44 3.85 34.37
CA THR A 317 8.15 3.15 34.42
C THR A 317 7.89 2.67 35.86
N ALA A 318 8.91 2.10 36.48
CA ALA A 318 8.83 1.62 37.88
C ALA A 318 8.50 2.79 38.82
N VAL A 319 9.11 3.94 38.56
CA VAL A 319 8.85 5.15 39.34
C VAL A 319 7.40 5.57 39.19
N ALA A 320 6.91 5.56 37.96
CA ALA A 320 5.51 5.92 37.72
C ALA A 320 4.58 5.03 38.54
N LEU A 321 4.95 3.75 38.67
CA LEU A 321 4.14 2.73 39.36
C LEU A 321 4.41 2.68 40.87
N ASP A 322 5.35 3.48 41.36
CA ASP A 322 5.84 3.36 42.73
C ASP A 322 6.19 1.91 43.09
N CYS A 323 6.91 1.27 42.19
CA CYS A 323 7.28 -0.14 42.30
C CYS A 323 8.80 -0.24 42.37
N GLU A 324 9.32 -0.66 43.53
CA GLU A 324 10.74 -0.82 43.70
C GLU A 324 11.18 -2.06 42.91
N ILE A 325 12.26 -1.90 42.14
CA ILE A 325 12.82 -3.01 41.39
C ILE A 325 14.29 -3.16 41.77
N PRO A 326 14.77 -4.39 41.76
CA PRO A 326 16.15 -4.67 42.10
C PRO A 326 17.15 -4.17 41.06
N ASN A 327 18.34 -3.88 41.56
CA ASN A 327 19.41 -3.38 40.74
C ASN A 327 19.98 -4.52 39.87
N GLU A 328 19.89 -5.76 40.35
CA GLU A 328 20.29 -6.91 39.53
C GLU A 328 19.30 -7.05 38.36
N LEU A 329 19.83 -6.96 37.12
CA LEU A 329 18.93 -7.07 35.96
C LEU A 329 18.41 -8.51 35.83
N PRO A 330 17.12 -8.65 35.54
CA PRO A 330 16.54 -9.93 35.22
C PRO A 330 17.05 -10.40 33.84
N TYR A 331 17.12 -11.70 33.63
CA TYR A 331 17.39 -12.23 32.29
C TYR A 331 16.39 -11.62 31.32
N ASN A 332 16.80 -11.38 30.09
CA ASN A 332 15.93 -10.79 29.08
C ASN A 332 16.53 -11.08 27.70
N ASP A 333 15.77 -10.74 26.66
CA ASP A 333 16.17 -11.10 25.28
C ASP A 333 17.41 -10.31 24.81
N TYR A 334 17.80 -9.26 25.55
CA TYR A 334 18.92 -8.36 25.20
C TYR A 334 19.95 -8.34 26.31
N PHE A 335 20.01 -9.41 27.11
CA PHE A 335 20.83 -9.39 28.32
C PHE A 335 22.30 -9.03 28.05
N GLU A 336 22.88 -9.51 26.95
CA GLU A 336 24.27 -9.22 26.62
C GLU A 336 24.51 -7.71 26.43
N TYR A 337 23.49 -6.92 26.14
CA TYR A 337 23.72 -5.51 25.87
C TYR A 337 24.07 -4.77 27.17
N PHE A 338 23.75 -5.39 28.33
CA PHE A 338 23.86 -4.75 29.62
C PHE A 338 25.16 -5.15 30.35
N GLY A 339 26.07 -5.85 29.71
CA GLY A 339 27.36 -6.08 30.29
C GLY A 339 28.19 -4.79 30.34
N PRO A 340 29.27 -4.79 31.09
CA PRO A 340 29.77 -5.98 31.76
C PRO A 340 29.22 -6.22 33.18
N ASP A 341 28.38 -5.31 33.65
CA ASP A 341 27.85 -5.31 35.02
C ASP A 341 26.49 -5.98 35.21
N PHE A 342 25.61 -5.92 34.22
CA PHE A 342 24.26 -6.47 34.25
C PHE A 342 23.45 -5.92 35.43
N LYS A 343 23.65 -4.63 35.70
CA LYS A 343 22.90 -3.90 36.74
C LYS A 343 22.02 -2.84 36.07
N LEU A 344 21.00 -2.40 36.80
CA LEU A 344 20.07 -1.39 36.29
C LEU A 344 20.66 0.01 36.34
N HIS A 345 21.35 0.34 37.43
CA HIS A 345 21.79 1.70 37.65
C HIS A 345 23.20 1.90 37.04
N ILE A 346 23.49 3.15 36.70
CA ILE A 346 24.77 3.51 36.06
C ILE A 346 25.54 4.51 36.93
N SER A 347 26.82 4.55 36.69
CA SER A 347 27.74 5.50 37.33
C SER A 347 27.96 6.72 36.45
N PRO A 348 28.14 7.89 37.06
CA PRO A 348 28.53 9.03 36.27
C PRO A 348 29.98 8.88 35.82
N SER A 349 30.38 9.63 34.81
CA SER A 349 31.78 9.66 34.42
C SER A 349 32.52 10.71 35.24
N ASN A 350 33.84 10.82 35.05
CA ASN A 350 34.63 11.87 35.74
C ASN A 350 34.72 13.14 34.88
N MET A 351 33.83 13.34 33.93
CA MET A 351 33.89 14.55 33.10
C MET A 351 33.61 15.78 33.97
N THR A 352 34.23 16.89 33.59
CA THR A 352 34.09 18.13 34.29
C THR A 352 32.67 18.67 34.11
N ASN A 353 32.05 19.11 35.19
CA ASN A 353 30.78 19.79 35.11
C ASN A 353 31.04 21.28 34.87
N GLN A 354 30.70 21.76 33.69
CA GLN A 354 30.99 23.15 33.31
C GLN A 354 29.93 24.10 33.90
N ASN A 355 28.85 23.54 34.43
CA ASN A 355 27.76 24.31 35.04
C ASN A 355 28.08 24.55 36.53
N THR A 356 28.67 25.66 36.81
CA THR A 356 29.09 25.94 38.20
C THR A 356 27.83 26.13 39.05
N PRO A 357 27.95 25.93 40.36
CA PRO A 357 26.76 26.22 41.20
C PRO A 357 26.24 27.65 41.07
N GLU A 358 27.14 28.62 40.89
CA GLU A 358 26.76 30.01 40.73
C GLU A 358 26.01 30.22 39.43
N TYR A 359 26.47 29.59 38.36
CA TYR A 359 25.75 29.65 37.08
C TYR A 359 24.32 29.11 37.25
N MET A 360 24.21 27.96 37.87
CA MET A 360 22.91 27.30 38.00
C MET A 360 21.96 28.22 38.79
N GLU A 361 22.43 28.78 39.88
CA GLU A 361 21.59 29.67 40.71
C GLU A 361 21.22 30.94 39.95
N LYS A 362 22.17 31.46 39.17
CA LYS A 362 21.92 32.70 38.46
C LYS A 362 20.86 32.50 37.37
N ILE A 363 20.94 31.41 36.62
CA ILE A 363 19.95 31.16 35.58
C ILE A 363 18.59 30.98 36.25
N LYS A 364 18.58 30.19 37.32
CA LYS A 364 17.34 29.99 38.11
C LYS A 364 16.74 31.34 38.53
N GLN A 365 17.57 32.27 39.03
CA GLN A 365 17.06 33.55 39.49
CA GLN A 365 17.11 33.56 39.47
C GLN A 365 16.49 34.34 38.30
N ARG A 366 17.11 34.25 37.12
CA ARG A 366 16.59 35.00 35.97
C ARG A 366 15.22 34.41 35.56
N LEU A 367 15.09 33.10 35.63
CA LEU A 367 13.80 32.47 35.25
C LEU A 367 12.74 32.80 36.29
N PHE A 368 13.11 32.81 37.58
CA PHE A 368 12.12 33.24 38.63
C PHE A 368 11.62 34.66 38.38
N GLU A 369 12.48 35.55 37.88
CA GLU A 369 12.07 36.93 37.58
C GLU A 369 10.97 36.92 36.51
N ASN A 370 11.14 36.08 35.50
CA ASN A 370 10.14 35.97 34.43
C ASN A 370 8.84 35.37 34.98
N LEU A 371 8.94 34.37 35.84
CA LEU A 371 7.72 33.73 36.35
C LEU A 371 6.93 34.71 37.22
N ARG A 372 7.55 35.74 37.80
N ARG A 372 7.58 35.74 37.80
CA ARG A 372 6.81 36.73 38.57
CA ARG A 372 6.87 36.79 38.56
C ARG A 372 5.87 37.56 37.68
C ARG A 372 5.87 37.55 37.68
N MET A 373 6.05 37.49 36.37
CA MET A 373 5.23 38.28 35.45
C MET A 373 3.93 37.54 35.10
N LEU A 374 3.76 36.29 35.51
CA LEU A 374 2.47 35.60 35.27
C LEU A 374 1.40 36.28 36.13
N PRO A 375 0.12 36.26 35.71
CA PRO A 375 -0.98 37.01 36.37
C PRO A 375 -0.96 36.98 37.91
N LYS B 10 -0.47 -20.45 9.13
CA LYS B 10 -1.16 -19.24 8.58
C LYS B 10 -1.34 -18.21 9.71
N LYS B 11 -1.01 -16.97 9.40
CA LYS B 11 -0.99 -15.86 10.36
C LYS B 11 -2.36 -15.19 10.36
N VAL B 12 -2.85 -14.88 11.57
CA VAL B 12 -4.11 -14.20 11.75
C VAL B 12 -3.93 -12.87 12.47
N CYS B 13 -4.53 -11.83 11.92
CA CYS B 13 -4.57 -10.57 12.62
C CYS B 13 -6.04 -10.22 12.89
N TYR B 14 -6.27 -9.51 13.97
CA TYR B 14 -7.61 -9.34 14.50
C TYR B 14 -7.76 -7.91 15.03
N TYR B 15 -8.89 -7.31 14.72
CA TYR B 15 -9.09 -5.87 15.01
C TYR B 15 -10.19 -5.74 16.04
N TYR B 16 -9.91 -4.97 17.08
CA TYR B 16 -10.90 -4.69 18.14
C TYR B 16 -10.54 -3.39 18.86
N ASP B 17 -11.57 -2.53 19.01
CA ASP B 17 -11.43 -1.34 19.84
C ASP B 17 -12.27 -1.52 21.12
N GLY B 18 -11.64 -1.30 22.25
CA GLY B 18 -12.24 -1.47 23.56
C GLY B 18 -13.48 -0.61 23.79
N ASP B 19 -13.74 0.40 22.99
CA ASP B 19 -14.97 1.15 23.13
C ASP B 19 -16.12 0.67 22.30
N ILE B 20 -15.89 -0.31 21.44
CA ILE B 20 -16.89 -0.66 20.40
C ILE B 20 -18.19 -1.07 21.12
N GLY B 21 -18.09 -1.77 22.23
CA GLY B 21 -19.26 -2.26 22.96
C GLY B 21 -20.04 -1.17 23.67
N ASN B 22 -19.54 0.06 23.74
CA ASN B 22 -20.18 1.12 24.45
C ASN B 22 -21.16 1.92 23.57
N TYR B 23 -21.14 1.71 22.25
CA TYR B 23 -22.05 2.41 21.32
C TYR B 23 -23.41 1.74 21.45
N TYR B 24 -24.43 2.56 21.61
CA TYR B 24 -25.76 2.06 21.98
C TYR B 24 -26.80 2.59 21.02
N TYR B 25 -27.49 1.67 20.33
CA TYR B 25 -28.44 2.05 19.29
C TYR B 25 -29.74 2.57 19.90
N GLY B 26 -29.99 2.33 21.17
CA GLY B 26 -31.15 2.88 21.82
C GLY B 26 -32.01 1.81 22.45
N GLN B 27 -32.84 2.22 23.43
CA GLN B 27 -33.77 1.30 24.12
C GLN B 27 -34.61 0.55 23.09
N GLY B 28 -34.61 -0.78 23.19
CA GLY B 28 -35.48 -1.61 22.35
C GLY B 28 -34.86 -1.94 21.01
N HIS B 29 -33.73 -1.32 20.64
CA HIS B 29 -33.13 -1.66 19.33
C HIS B 29 -32.39 -2.98 19.44
N PRO B 30 -32.67 -3.92 18.52
CA PRO B 30 -32.03 -5.23 18.64
C PRO B 30 -30.53 -5.31 18.35
N MET B 31 -29.96 -4.31 17.68
CA MET B 31 -28.53 -4.33 17.38
C MET B 31 -27.75 -3.87 18.61
N LYS B 32 -26.88 -4.76 19.12
CA LYS B 32 -26.17 -4.53 20.39
C LYS B 32 -24.66 -4.69 20.15
N PRO B 33 -23.96 -3.59 19.90
CA PRO B 33 -22.48 -3.66 19.75
C PRO B 33 -21.78 -4.34 20.93
N HIS B 34 -22.39 -4.35 22.12
CA HIS B 34 -21.85 -5.07 23.26
C HIS B 34 -21.51 -6.54 22.91
N ARG B 35 -22.23 -7.15 21.97
CA ARG B 35 -21.95 -8.52 21.59
C ARG B 35 -20.50 -8.67 21.09
N ILE B 36 -19.91 -7.61 20.54
CA ILE B 36 -18.52 -7.68 20.02
C ILE B 36 -17.56 -7.73 21.22
N ARG B 37 -17.87 -7.00 22.26
CA ARG B 37 -17.09 -7.03 23.50
C ARG B 37 -17.20 -8.40 24.17
N MET B 38 -18.41 -8.95 24.18
CA MET B 38 -18.60 -10.31 24.75
C MET B 38 -17.74 -11.32 24.00
N THR B 39 -17.75 -11.23 22.67
CA THR B 39 -16.93 -12.07 21.82
C THR B 39 -15.44 -11.95 22.20
N HIS B 40 -14.98 -10.71 22.24
CA HIS B 40 -13.59 -10.43 22.57
C HIS B 40 -13.20 -11.03 23.91
N ASN B 41 -14.04 -10.82 24.92
CA ASN B 41 -13.69 -11.24 26.26
C ASN B 41 -13.68 -12.77 26.33
N LEU B 42 -14.59 -13.43 25.61
CA LEU B 42 -14.62 -14.85 25.63
C LEU B 42 -13.35 -15.39 24.97
N LEU B 43 -12.98 -14.87 23.82
CA LEU B 43 -11.86 -15.47 23.14
C LEU B 43 -10.56 -15.14 23.90
N LEU B 44 -10.43 -14.00 24.61
CA LEU B 44 -9.30 -13.75 25.48
C LEU B 44 -9.20 -14.80 26.59
N ASN B 45 -10.35 -15.17 27.20
CA ASN B 45 -10.36 -16.10 28.28
C ASN B 45 -10.08 -17.53 27.80
N TYR B 46 -10.26 -17.82 26.52
CA TYR B 46 -9.83 -19.08 25.95
C TYR B 46 -8.34 -19.06 25.62
N GLY B 47 -7.71 -17.89 25.71
CA GLY B 47 -6.27 -17.79 25.46
C GLY B 47 -5.93 -17.58 23.99
N LEU B 48 -6.89 -17.28 23.15
CA LEU B 48 -6.61 -17.23 21.71
C LEU B 48 -5.73 -16.01 21.34
N TYR B 49 -5.60 -15.04 22.24
CA TYR B 49 -4.68 -13.90 22.01
C TYR B 49 -3.23 -14.37 21.86
N ARG B 50 -2.90 -15.53 22.41
CA ARG B 50 -1.54 -16.02 22.38
C ARG B 50 -1.11 -16.39 20.96
N LYS B 51 -2.05 -16.56 20.04
CA LYS B 51 -1.76 -17.13 18.75
C LYS B 51 -2.05 -16.12 17.63
N MET B 52 -2.47 -14.90 17.94
CA MET B 52 -2.81 -14.00 16.86
C MET B 52 -2.38 -12.58 17.22
N GLU B 53 -2.22 -11.76 16.20
CA GLU B 53 -1.85 -10.36 16.40
C GLU B 53 -3.15 -9.59 16.60
N ILE B 54 -3.26 -8.86 17.72
CA ILE B 54 -4.43 -8.07 17.96
C ILE B 54 -4.09 -6.57 17.83
N TYR B 55 -4.90 -5.89 17.04
CA TYR B 55 -4.72 -4.50 16.78
C TYR B 55 -6.00 -3.73 17.10
N ARG B 56 -5.79 -2.48 17.48
CA ARG B 56 -6.88 -1.52 17.56
C ARG B 56 -7.06 -0.88 16.17
N PRO B 57 -8.28 -0.80 15.68
CA PRO B 57 -8.52 -0.11 14.42
C PRO B 57 -8.29 1.39 14.57
N HIS B 58 -7.91 2.03 13.48
CA HIS B 58 -7.92 3.49 13.42
C HIS B 58 -9.37 3.92 13.20
N LYS B 59 -9.62 5.19 13.44
CA LYS B 59 -10.92 5.77 13.03
C LYS B 59 -10.83 6.13 11.56
N ALA B 60 -11.55 5.39 10.74
CA ALA B 60 -11.53 5.62 9.31
C ALA B 60 -11.93 7.06 9.01
N THR B 61 -11.23 7.67 8.08
CA THR B 61 -11.43 9.06 7.80
C THR B 61 -12.55 9.25 6.78
N ALA B 62 -13.01 10.48 6.67
CA ALA B 62 -13.95 10.83 5.59
C ALA B 62 -13.35 10.51 4.22
N GLU B 63 -12.08 10.78 4.03
CA GLU B 63 -11.39 10.47 2.79
C GLU B 63 -11.50 8.97 2.48
N GLU B 64 -11.32 8.13 3.48
CA GLU B 64 -11.47 6.69 3.29
C GLU B 64 -12.91 6.32 2.93
N MET B 65 -13.89 6.89 3.64
CA MET B 65 -15.27 6.47 3.45
C MET B 65 -15.81 6.92 2.09
N THR B 66 -15.31 8.05 1.60
CA THR B 66 -15.81 8.62 0.34
C THR B 66 -15.15 7.95 -0.86
N LYS B 67 -14.30 6.95 -0.65
CA LYS B 67 -13.91 6.07 -1.76
C LYS B 67 -15.13 5.35 -2.33
N TYR B 68 -16.20 5.21 -1.53
CA TYR B 68 -17.46 4.66 -2.05
C TYR B 68 -18.64 5.62 -1.81
N HIS B 69 -18.81 6.07 -0.56
CA HIS B 69 -19.96 6.84 -0.19
C HIS B 69 -19.88 8.27 -0.71
N SER B 70 -21.04 8.88 -0.92
CA SER B 70 -21.04 10.23 -1.35
C SER B 70 -20.58 11.18 -0.23
N ASP B 71 -19.92 12.25 -0.65
CA ASP B 71 -19.46 13.29 0.23
C ASP B 71 -20.55 13.86 1.11
N GLU B 72 -21.69 14.12 0.54
CA GLU B 72 -22.76 14.75 1.28
C GLU B 72 -23.30 13.79 2.35
N TYR B 73 -23.39 12.51 2.02
CA TYR B 73 -23.86 11.53 3.02
C TYR B 73 -22.87 11.43 4.21
N ILE B 74 -21.58 11.32 3.92
CA ILE B 74 -20.61 11.23 4.98
C ILE B 74 -20.58 12.51 5.81
N LYS B 75 -20.67 13.68 5.19
CA LYS B 75 -20.69 14.94 5.93
C LYS B 75 -21.89 14.96 6.88
N PHE B 76 -23.03 14.46 6.41
CA PHE B 76 -24.24 14.35 7.26
C PHE B 76 -23.98 13.41 8.45
N LEU B 77 -23.40 12.24 8.22
CA LEU B 77 -23.16 11.30 9.31
C LEU B 77 -22.21 11.93 10.35
N ARG B 78 -21.30 12.77 9.87
CA ARG B 78 -20.30 13.41 10.74
C ARG B 78 -20.94 14.57 11.53
N SER B 79 -22.14 14.99 11.13
CA SER B 79 -22.79 16.19 11.66
C SER B 79 -23.93 15.85 12.65
N ILE B 80 -24.65 14.78 12.37
CA ILE B 80 -25.94 14.49 13.02
C ILE B 80 -25.74 13.98 14.45
N ARG B 81 -26.47 14.56 15.38
CA ARG B 81 -26.40 14.18 16.79
C ARG B 81 -27.80 14.17 17.39
N PRO B 82 -28.01 13.43 18.48
CA PRO B 82 -29.32 13.52 19.14
C PRO B 82 -29.74 14.96 19.41
N ASP B 83 -28.81 15.83 19.80
CA ASP B 83 -29.13 17.20 20.15
C ASP B 83 -29.42 18.16 18.99
N ASN B 84 -29.17 17.76 17.72
CA ASN B 84 -29.43 18.69 16.62
C ASN B 84 -30.37 18.09 15.56
N MET B 85 -31.03 16.98 15.88
CA MET B 85 -31.91 16.28 14.94
C MET B 85 -33.03 17.16 14.39
N SER B 86 -33.58 18.04 15.22
CA SER B 86 -34.67 18.90 14.75
C SER B 86 -34.19 19.77 13.59
N GLU B 87 -32.90 20.14 13.60
CA GLU B 87 -32.33 20.98 12.53
C GLU B 87 -32.10 20.16 11.25
N TYR B 88 -32.09 18.84 11.34
CA TYR B 88 -31.65 18.00 10.23
C TYR B 88 -32.79 17.13 9.69
N SER B 89 -34.06 17.49 9.93
CA SER B 89 -35.14 16.53 9.67
C SER B 89 -35.19 16.13 8.17
N LYS B 90 -34.98 17.06 7.25
CA LYS B 90 -35.03 16.73 5.82
C LYS B 90 -33.82 15.89 5.41
N GLN B 91 -32.63 16.17 5.97
CA GLN B 91 -31.46 15.34 5.66
C GLN B 91 -31.64 13.94 6.24
N MET B 92 -32.22 13.83 7.44
CA MET B 92 -32.47 12.54 8.02
C MET B 92 -33.35 11.70 7.08
N GLN B 93 -34.38 12.31 6.53
CA GLN B 93 -35.25 11.61 5.59
C GLN B 93 -34.47 11.16 4.35
N ARG B 94 -33.71 12.07 3.75
CA ARG B 94 -32.99 11.78 2.52
C ARG B 94 -31.96 10.65 2.74
N PHE B 95 -31.30 10.63 3.89
CA PHE B 95 -30.23 9.67 4.10
C PHE B 95 -30.69 8.44 4.88
N ASN B 96 -31.98 8.38 5.20
CA ASN B 96 -32.63 7.23 5.84
C ASN B 96 -32.08 6.99 7.24
N VAL B 97 -31.83 8.07 7.98
CA VAL B 97 -31.34 7.97 9.35
C VAL B 97 -32.42 8.53 10.29
N GLY B 98 -32.62 7.85 11.41
CA GLY B 98 -33.54 8.35 12.43
C GLY B 98 -34.57 7.33 12.88
N GLU B 99 -34.76 6.23 12.18
CA GLU B 99 -35.78 5.22 12.58
C GLU B 99 -35.06 3.87 12.83
N ASP B 100 -35.15 2.91 11.90
CA ASP B 100 -34.45 1.62 12.07
C ASP B 100 -32.94 1.79 12.10
N CYS B 101 -32.43 2.85 11.45
CA CYS B 101 -31.02 3.28 11.57
C CYS B 101 -31.01 4.57 12.39
N PRO B 102 -31.03 4.46 13.72
CA PRO B 102 -31.24 5.62 14.57
C PRO B 102 -30.06 6.59 14.66
N VAL B 103 -30.34 7.78 15.14
CA VAL B 103 -29.29 8.69 15.57
C VAL B 103 -28.91 8.33 17.02
N PHE B 104 -27.64 8.04 17.29
CA PHE B 104 -27.20 7.82 18.66
C PHE B 104 -25.87 8.54 18.90
N ASP B 105 -25.56 8.73 20.19
CA ASP B 105 -24.36 9.39 20.59
C ASP B 105 -23.16 8.57 20.08
N GLY B 106 -22.24 9.22 19.40
CA GLY B 106 -21.05 8.50 18.93
C GLY B 106 -21.28 7.73 17.63
N LEU B 107 -22.40 7.96 16.94
CA LEU B 107 -22.71 7.23 15.71
C LEU B 107 -21.52 7.25 14.74
N PHE B 108 -20.95 8.43 14.53
CA PHE B 108 -19.93 8.55 13.48
C PHE B 108 -18.69 7.77 13.92
N GLU B 109 -18.31 7.90 15.19
CA GLU B 109 -17.15 7.14 15.70
C GLU B 109 -17.37 5.64 15.56
N PHE B 110 -18.58 5.15 15.84
CA PHE B 110 -18.88 3.75 15.65
C PHE B 110 -18.60 3.32 14.21
N CYS B 111 -19.09 4.12 13.27
CA CYS B 111 -18.86 3.89 11.85
C CYS B 111 -17.35 3.88 11.55
N GLN B 112 -16.62 4.80 12.16
CA GLN B 112 -15.18 4.95 11.87
C GLN B 112 -14.40 3.71 12.37
N LEU B 113 -14.80 3.20 13.53
CA LEU B 113 -14.08 2.04 14.14
C LEU B 113 -14.46 0.73 13.43
N SER B 114 -15.74 0.55 13.11
CA SER B 114 -16.23 -0.57 12.29
C SER B 114 -15.49 -0.63 10.95
N THR B 115 -15.50 0.48 10.23
CA THR B 115 -14.88 0.58 8.93
C THR B 115 -13.35 0.46 9.04
N GLY B 116 -12.76 1.10 10.04
CA GLY B 116 -11.30 1.10 10.19
C GLY B 116 -10.75 -0.30 10.30
N GLY B 117 -11.45 -1.15 11.03
CA GLY B 117 -11.00 -2.54 11.17
C GLY B 117 -11.00 -3.27 9.82
N SER B 118 -12.00 -3.07 8.99
CA SER B 118 -12.13 -3.78 7.72
C SER B 118 -11.09 -3.29 6.71
N VAL B 119 -10.90 -1.99 6.63
CA VAL B 119 -9.97 -1.44 5.65
C VAL B 119 -8.54 -1.75 6.11
N ALA B 120 -8.29 -1.64 7.42
CA ALA B 120 -6.96 -1.97 7.91
C ALA B 120 -6.61 -3.44 7.65
N GLY B 121 -7.57 -4.33 7.86
CA GLY B 121 -7.39 -5.74 7.56
C GLY B 121 -7.06 -5.97 6.10
N ALA B 122 -7.80 -5.32 5.23
CA ALA B 122 -7.56 -5.41 3.79
C ALA B 122 -6.16 -4.94 3.41
N VAL B 123 -5.67 -3.85 4.02
CA VAL B 123 -4.34 -3.37 3.75
C VAL B 123 -3.31 -4.42 4.20
N LYS B 124 -3.53 -5.04 5.36
CA LYS B 124 -2.62 -6.04 5.88
C LYS B 124 -2.53 -7.23 4.91
N LEU B 125 -3.65 -7.65 4.38
CA LEU B 125 -3.71 -8.74 3.38
C LEU B 125 -2.97 -8.34 2.11
N ASN B 126 -3.20 -7.12 1.62
CA ASN B 126 -2.56 -6.63 0.38
C ASN B 126 -1.03 -6.59 0.53
N ARG B 127 -0.57 -6.24 1.73
CA ARG B 127 0.87 -6.12 2.01
C ARG B 127 1.49 -7.49 2.31
N GLN B 128 0.68 -8.54 2.31
CA GLN B 128 1.12 -9.92 2.52
C GLN B 128 1.74 -10.02 3.92
N GLN B 129 1.18 -9.27 4.86
CA GLN B 129 1.65 -9.31 6.24
C GLN B 129 0.83 -10.30 7.08
N THR B 130 -0.30 -10.74 6.54
CA THR B 130 -1.11 -11.72 7.20
C THR B 130 -1.81 -12.58 6.13
N ASP B 131 -2.25 -13.77 6.52
CA ASP B 131 -3.06 -14.63 5.69
C ASP B 131 -4.55 -14.47 5.87
N MET B 132 -4.94 -14.12 7.10
CA MET B 132 -6.30 -13.84 7.46
C MET B 132 -6.35 -12.59 8.33
N ALA B 133 -7.39 -11.81 8.11
CA ALA B 133 -7.67 -10.65 8.98
C ALA B 133 -9.11 -10.78 9.46
N VAL B 134 -9.35 -10.44 10.72
CA VAL B 134 -10.66 -10.59 11.33
C VAL B 134 -11.14 -9.25 11.89
N ASN B 135 -12.38 -8.88 11.56
CA ASN B 135 -12.98 -7.67 12.15
C ASN B 135 -14.45 -7.94 12.49
N TRP B 136 -14.70 -8.39 13.70
CA TRP B 136 -16.08 -8.79 14.07
C TRP B 136 -17.00 -7.56 14.14
N ALA B 137 -16.43 -6.35 14.23
CA ALA B 137 -17.22 -5.12 14.25
C ALA B 137 -17.67 -4.70 12.85
N GLY B 138 -17.20 -5.36 11.82
CA GLY B 138 -17.53 -5.06 10.43
C GLY B 138 -18.64 -5.96 9.91
N GLY B 139 -18.83 -5.94 8.60
CA GLY B 139 -19.84 -6.77 7.96
C GLY B 139 -21.16 -6.05 7.71
N LEU B 140 -21.11 -4.72 7.59
CA LEU B 140 -22.35 -3.90 7.53
C LEU B 140 -22.87 -3.82 6.08
N HIS B 141 -23.41 -4.96 5.63
CA HIS B 141 -23.63 -5.26 4.19
C HIS B 141 -24.78 -4.49 3.54
N HIS B 142 -25.63 -3.81 4.30
CA HIS B 142 -26.79 -3.16 3.70
C HIS B 142 -26.56 -1.69 3.36
N ALA B 143 -25.51 -1.06 3.89
CA ALA B 143 -25.35 0.42 3.67
C ALA B 143 -25.17 0.71 2.18
N LYS B 144 -25.77 1.78 1.72
CA LYS B 144 -25.75 2.16 0.32
C LYS B 144 -24.85 3.40 0.12
N LYS B 145 -24.58 3.71 -1.13
CA LYS B 145 -23.68 4.80 -1.45
C LYS B 145 -24.08 6.10 -0.74
N SER B 146 -25.38 6.44 -0.70
CA SER B 146 -25.81 7.67 -0.07
CA SER B 146 -25.80 7.66 -0.05
C SER B 146 -27.02 7.44 0.84
N GLU B 147 -27.17 6.27 1.44
CA GLU B 147 -28.22 6.11 2.46
C GLU B 147 -27.90 4.95 3.41
N ALA B 148 -28.32 5.13 4.65
CA ALA B 148 -28.28 4.07 5.64
C ALA B 148 -29.36 3.03 5.33
N SER B 149 -29.13 1.81 5.77
CA SER B 149 -30.15 0.78 5.60
C SER B 149 -29.88 -0.38 6.55
N GLY B 150 -30.91 -0.99 7.12
CA GLY B 150 -30.70 -2.28 7.83
C GLY B 150 -29.71 -2.19 8.97
N PHE B 151 -29.77 -1.08 9.71
CA PHE B 151 -28.95 -0.82 10.89
C PHE B 151 -27.51 -0.45 10.49
N CYS B 152 -27.25 -0.32 9.20
CA CYS B 152 -25.90 -0.06 8.65
C CYS B 152 -25.82 1.39 8.16
N TYR B 153 -24.71 2.09 8.40
CA TYR B 153 -24.51 3.46 7.90
C TYR B 153 -23.41 3.51 6.84
N VAL B 154 -22.26 2.91 7.16
CA VAL B 154 -21.09 2.91 6.28
C VAL B 154 -20.78 1.46 5.90
N ASN B 155 -20.64 1.23 4.60
CA ASN B 155 -20.44 -0.11 4.08
C ASN B 155 -18.96 -0.44 4.12
N ASP B 156 -18.53 -0.94 5.28
CA ASP B 156 -17.12 -1.30 5.52
C ASP B 156 -16.67 -2.37 4.56
N ILE B 157 -17.62 -3.22 4.15
CA ILE B 157 -17.30 -4.32 3.25
C ILE B 157 -16.91 -3.81 1.86
N VAL B 158 -17.73 -2.94 1.30
CA VAL B 158 -17.45 -2.37 0.02
C VAL B 158 -16.09 -1.65 0.08
N LEU B 159 -15.85 -0.90 1.14
CA LEU B 159 -14.58 -0.15 1.24
C LEU B 159 -13.39 -1.11 1.33
N ALA B 160 -13.55 -2.19 2.08
CA ALA B 160 -12.45 -3.21 2.19
C ALA B 160 -12.23 -3.85 0.82
N ILE B 161 -13.29 -4.13 0.09
CA ILE B 161 -13.13 -4.78 -1.22
C ILE B 161 -12.45 -3.80 -2.20
N LEU B 162 -12.81 -2.52 -2.18
CA LEU B 162 -12.11 -1.53 -3.01
C LEU B 162 -10.62 -1.50 -2.69
N GLU B 163 -10.28 -1.65 -1.41
CA GLU B 163 -8.87 -1.71 -1.02
C GLU B 163 -8.24 -2.97 -1.64
N LEU B 164 -8.90 -4.12 -1.51
CA LEU B 164 -8.29 -5.35 -2.10
C LEU B 164 -8.13 -5.22 -3.62
N LEU B 165 -9.07 -4.54 -4.29
CA LEU B 165 -9.05 -4.40 -5.74
C LEU B 165 -7.85 -3.57 -6.22
N LYS B 166 -7.13 -2.89 -5.31
CA LYS B 166 -5.93 -2.22 -5.74
C LYS B 166 -4.90 -3.25 -6.20
N TYR B 167 -4.90 -4.42 -5.53
CA TYR B 167 -3.87 -5.44 -5.72
C TYR B 167 -4.42 -6.72 -6.37
N HIS B 168 -5.72 -6.93 -6.33
CA HIS B 168 -6.32 -8.20 -6.73
C HIS B 168 -7.25 -7.97 -7.93
N GLN B 169 -7.01 -8.68 -9.05
CA GLN B 169 -7.84 -8.52 -10.23
C GLN B 169 -9.26 -9.01 -9.96
N ARG B 170 -9.38 -10.10 -9.19
CA ARG B 170 -10.69 -10.71 -8.90
C ARG B 170 -10.81 -10.98 -7.40
N VAL B 171 -11.87 -10.45 -6.82
CA VAL B 171 -12.15 -10.63 -5.40
C VAL B 171 -13.49 -11.33 -5.26
N LEU B 172 -13.52 -12.31 -4.37
CA LEU B 172 -14.77 -13.05 -4.07
C LEU B 172 -15.34 -12.60 -2.73
N TYR B 173 -16.63 -12.24 -2.73
CA TYR B 173 -17.35 -11.94 -1.51
C TYR B 173 -18.36 -13.04 -1.22
N ILE B 174 -18.38 -13.57 0.00
CA ILE B 174 -19.30 -14.64 0.42
C ILE B 174 -20.03 -14.14 1.66
N ASP B 175 -21.36 -14.28 1.70
CA ASP B 175 -22.18 -13.72 2.76
C ASP B 175 -23.08 -14.82 3.35
N ILE B 176 -22.80 -15.21 4.60
CA ILE B 176 -23.61 -16.28 5.25
C ILE B 176 -24.52 -15.70 6.33
N ASP B 177 -24.57 -14.38 6.45
CA ASP B 177 -25.67 -13.73 7.19
C ASP B 177 -27.01 -14.23 6.66
N ILE B 178 -28.03 -14.30 7.50
CA ILE B 178 -29.34 -14.77 7.03
C ILE B 178 -29.95 -13.76 6.04
N HIS B 179 -29.49 -12.51 6.06
CA HIS B 179 -30.00 -11.51 5.14
C HIS B 179 -29.16 -11.45 3.86
N HIS B 180 -29.82 -11.05 2.78
CA HIS B 180 -29.12 -10.80 1.53
C HIS B 180 -28.16 -9.61 1.65
N GLY B 181 -26.92 -9.80 1.20
CA GLY B 181 -25.93 -8.71 1.22
C GLY B 181 -26.14 -7.71 0.09
N ASP B 182 -27.23 -6.96 0.16
CA ASP B 182 -27.66 -6.16 -0.95
C ASP B 182 -26.78 -4.97 -1.27
N GLY B 183 -26.20 -4.35 -0.25
CA GLY B 183 -25.37 -3.19 -0.50
C GLY B 183 -24.07 -3.56 -1.19
N VAL B 184 -23.53 -4.73 -0.84
CA VAL B 184 -22.30 -5.22 -1.47
C VAL B 184 -22.61 -5.62 -2.92
N GLU B 185 -23.70 -6.36 -3.10
CA GLU B 185 -24.10 -6.78 -4.42
C GLU B 185 -24.32 -5.57 -5.33
N GLU B 186 -25.01 -4.55 -4.83
CA GLU B 186 -25.30 -3.37 -5.62
C GLU B 186 -24.01 -2.64 -6.06
N ALA B 187 -23.06 -2.48 -5.12
CA ALA B 187 -21.83 -1.76 -5.41
C ALA B 187 -21.11 -2.41 -6.59
N PHE B 188 -21.14 -3.75 -6.65
CA PHE B 188 -20.35 -4.49 -7.63
C PHE B 188 -21.17 -5.21 -8.71
N TYR B 189 -22.45 -4.84 -8.87
CA TYR B 189 -23.38 -5.57 -9.71
C TYR B 189 -22.95 -5.56 -11.18
N THR B 190 -22.23 -4.52 -11.61
CA THR B 190 -21.90 -4.36 -13.03
C THR B 190 -20.41 -4.62 -13.29
N THR B 191 -19.69 -5.22 -12.35
CA THR B 191 -18.29 -5.55 -12.63
C THR B 191 -18.05 -7.05 -12.43
N ASP B 192 -17.15 -7.56 -13.27
CA ASP B 192 -16.65 -8.93 -13.13
C ASP B 192 -15.45 -9.01 -12.21
N ARG B 193 -15.02 -7.88 -11.66
CA ARG B 193 -13.86 -7.90 -10.76
C ARG B 193 -14.24 -8.26 -9.32
N VAL B 194 -15.52 -8.28 -9.00
CA VAL B 194 -15.98 -8.81 -7.74
C VAL B 194 -17.16 -9.73 -8.02
N MET B 195 -17.07 -10.94 -7.56
CA MET B 195 -18.21 -11.87 -7.57
C MET B 195 -18.81 -11.87 -6.16
N THR B 196 -20.12 -11.63 -6.05
CA THR B 196 -20.79 -11.67 -4.78
C THR B 196 -21.62 -12.95 -4.70
N VAL B 197 -21.48 -13.69 -3.60
CA VAL B 197 -22.21 -14.90 -3.37
C VAL B 197 -22.94 -14.77 -2.03
N SER B 198 -24.28 -14.71 -2.04
CA SER B 198 -25.08 -14.58 -0.82
C SER B 198 -26.01 -15.80 -0.68
N PHE B 199 -25.98 -16.38 0.52
CA PHE B 199 -26.96 -17.37 0.99
C PHE B 199 -27.86 -16.64 1.98
N HIS B 200 -29.17 -16.74 1.83
CA HIS B 200 -30.03 -15.89 2.67
C HIS B 200 -31.46 -16.40 2.61
N LYS B 201 -32.21 -16.09 3.66
CA LYS B 201 -33.64 -16.24 3.62
C LYS B 201 -34.23 -15.30 2.59
N TYR B 202 -35.14 -15.84 1.79
CA TYR B 202 -35.79 -15.09 0.77
C TYR B 202 -37.30 -15.37 0.81
N GLY B 203 -38.04 -14.28 0.72
CA GLY B 203 -39.53 -14.29 0.74
C GLY B 203 -40.06 -13.54 1.95
N GLU B 204 -40.64 -12.38 1.71
CA GLU B 204 -41.23 -11.55 2.80
C GLU B 204 -40.23 -11.45 3.96
N TYR B 205 -39.04 -10.98 3.59
CA TYR B 205 -37.97 -10.88 4.53
C TYR B 205 -37.02 -9.77 4.07
N PHE B 206 -36.53 -8.98 5.03
CA PHE B 206 -35.60 -7.90 4.73
C PHE B 206 -34.36 -8.45 4.01
N PRO B 207 -33.82 -7.79 2.98
CA PRO B 207 -34.23 -6.51 2.39
C PRO B 207 -35.18 -6.63 1.20
N GLY B 208 -35.53 -7.87 0.85
CA GLY B 208 -36.49 -8.16 -0.22
C GLY B 208 -35.81 -8.46 -1.55
N THR B 209 -34.50 -8.44 -1.57
CA THR B 209 -33.66 -8.63 -2.76
C THR B 209 -32.94 -9.99 -2.69
N GLY B 210 -32.11 -10.33 -3.68
CA GLY B 210 -31.39 -11.61 -3.64
C GLY B 210 -32.18 -12.78 -4.23
N ASP B 211 -33.00 -12.50 -5.24
CA ASP B 211 -33.63 -13.54 -6.02
C ASP B 211 -32.53 -14.34 -6.76
N LEU B 212 -32.77 -15.63 -6.91
CA LEU B 212 -32.00 -16.57 -7.78
C LEU B 212 -31.69 -15.93 -9.13
N ARG B 213 -32.64 -15.16 -9.68
CA ARG B 213 -32.51 -14.62 -11.02
C ARG B 213 -31.74 -13.30 -11.08
N ASP B 214 -31.32 -12.76 -9.94
CA ASP B 214 -30.47 -11.57 -9.90
C ASP B 214 -29.05 -12.06 -10.07
N ILE B 215 -28.52 -11.96 -11.28
CA ILE B 215 -27.23 -12.60 -11.60
C ILE B 215 -26.17 -11.56 -11.99
N GLY B 216 -26.46 -10.27 -11.83
CA GLY B 216 -25.54 -9.20 -12.29
C GLY B 216 -25.96 -8.60 -13.62
N ALA B 217 -25.27 -7.54 -14.04
CA ALA B 217 -25.61 -6.86 -15.30
C ALA B 217 -24.34 -6.33 -15.96
N GLY B 218 -24.43 -6.12 -17.29
CA GLY B 218 -23.28 -5.63 -18.04
C GLY B 218 -22.12 -6.59 -17.92
N LYS B 219 -20.92 -6.06 -17.72
CA LYS B 219 -19.73 -6.89 -17.56
C LYS B 219 -19.90 -7.81 -16.35
N GLY B 220 -20.74 -7.42 -15.40
CA GLY B 220 -20.97 -8.22 -14.18
C GLY B 220 -22.02 -9.32 -14.35
N LYS B 221 -22.61 -9.47 -15.53
CA LYS B 221 -23.56 -10.56 -15.72
C LYS B 221 -22.89 -11.92 -15.45
N TYR B 222 -23.52 -12.69 -14.56
CA TYR B 222 -23.13 -14.00 -14.05
C TYR B 222 -22.14 -13.89 -12.89
N TYR B 223 -21.83 -12.68 -12.44
CA TYR B 223 -20.88 -12.47 -11.30
C TYR B 223 -21.62 -12.08 -10.02
N ALA B 224 -22.94 -12.22 -10.01
CA ALA B 224 -23.68 -12.18 -8.75
C ALA B 224 -24.42 -13.51 -8.63
N VAL B 225 -24.30 -14.08 -7.43
CA VAL B 225 -24.85 -15.40 -7.13
C VAL B 225 -25.67 -15.30 -5.86
N ASN B 226 -26.92 -15.73 -5.95
CA ASN B 226 -27.84 -15.66 -4.83
C ASN B 226 -28.50 -17.02 -4.62
N PHE B 227 -28.42 -17.53 -3.39
CA PHE B 227 -29.05 -18.81 -3.02
C PHE B 227 -30.16 -18.51 -2.02
N PRO B 228 -31.39 -18.37 -2.50
CA PRO B 228 -32.49 -18.15 -1.60
C PRO B 228 -32.93 -19.42 -0.85
N MET B 229 -33.11 -19.26 0.46
CA MET B 229 -33.43 -20.36 1.36
C MET B 229 -34.72 -20.08 2.11
N ARG B 230 -35.36 -21.13 2.58
CA ARG B 230 -36.54 -21.03 3.41
C ARG B 230 -36.16 -21.23 4.88
N ASP B 231 -37.13 -21.03 5.77
CA ASP B 231 -36.93 -21.22 7.19
C ASP B 231 -36.44 -22.61 7.53
N GLY B 232 -35.60 -22.68 8.58
CA GLY B 232 -35.34 -23.93 9.25
C GLY B 232 -34.17 -24.70 8.65
N ILE B 233 -33.38 -24.09 7.77
CA ILE B 233 -32.25 -24.83 7.22
C ILE B 233 -31.33 -25.28 8.38
N ASP B 234 -30.80 -26.49 8.25
CA ASP B 234 -29.95 -27.07 9.30
C ASP B 234 -28.53 -27.28 8.80
N ASP B 235 -27.67 -27.74 9.70
CA ASP B 235 -26.26 -27.90 9.35
C ASP B 235 -25.99 -28.82 8.15
N GLU B 236 -26.68 -29.95 8.12
CA GLU B 236 -26.45 -30.95 7.07
C GLU B 236 -26.84 -30.33 5.72
N SER B 237 -28.01 -29.71 5.67
CA SER B 237 -28.52 -29.10 4.44
C SER B 237 -27.63 -27.95 3.95
N TYR B 238 -27.23 -27.08 4.86
CA TYR B 238 -26.46 -25.93 4.50
C TYR B 238 -25.10 -26.40 3.98
N GLY B 239 -24.51 -27.34 4.68
CA GLY B 239 -23.19 -27.86 4.29
C GLY B 239 -23.21 -28.52 2.92
N GLN B 240 -24.31 -29.17 2.59
CA GLN B 240 -24.46 -29.88 1.28
C GLN B 240 -24.61 -28.88 0.13
N ILE B 241 -24.93 -27.65 0.39
CA ILE B 241 -24.93 -26.77 -0.76
C ILE B 241 -23.74 -25.81 -0.69
N PHE B 242 -23.28 -25.43 0.50
CA PHE B 242 -22.21 -24.41 0.59
C PHE B 242 -20.92 -24.93 -0.08
N LYS B 243 -20.47 -26.12 0.30
CA LYS B 243 -19.17 -26.56 -0.20
C LYS B 243 -19.19 -26.75 -1.73
N PRO B 244 -20.19 -27.43 -2.29
CA PRO B 244 -20.23 -27.50 -3.75
C PRO B 244 -20.36 -26.16 -4.47
N ILE B 245 -21.13 -25.23 -3.96
CA ILE B 245 -21.30 -23.96 -4.64
C ILE B 245 -19.96 -23.19 -4.57
N ILE B 246 -19.35 -23.12 -3.41
CA ILE B 246 -18.12 -22.35 -3.27
C ILE B 246 -17.01 -23.04 -4.05
N SER B 247 -16.95 -24.38 -4.04
CA SER B 247 -15.94 -25.09 -4.84
C SER B 247 -16.07 -24.75 -6.32
N LYS B 248 -17.31 -24.70 -6.85
CA LYS B 248 -17.54 -24.40 -8.26
C LYS B 248 -17.18 -22.94 -8.55
N VAL B 249 -17.57 -22.03 -7.66
CA VAL B 249 -17.19 -20.61 -7.76
C VAL B 249 -15.65 -20.48 -7.84
N MET B 250 -14.96 -21.16 -6.94
CA MET B 250 -13.50 -21.05 -6.93
C MET B 250 -12.92 -21.54 -8.25
N GLU B 251 -13.42 -22.68 -8.74
CA GLU B 251 -12.94 -23.30 -9.95
C GLU B 251 -13.17 -22.36 -11.15
N MET B 252 -14.34 -21.74 -11.26
CA MET B 252 -14.70 -20.98 -12.45
C MET B 252 -14.17 -19.53 -12.36
N TYR B 253 -14.19 -18.95 -11.18
CA TYR B 253 -13.90 -17.52 -10.99
C TYR B 253 -12.41 -17.29 -10.64
N GLN B 254 -11.81 -18.21 -9.90
CA GLN B 254 -10.37 -18.15 -9.60
C GLN B 254 -10.00 -16.79 -8.97
N PRO B 255 -10.64 -16.44 -7.85
CA PRO B 255 -10.34 -15.18 -7.18
C PRO B 255 -8.96 -15.26 -6.54
N SER B 256 -8.34 -14.11 -6.26
CA SER B 256 -7.05 -14.11 -5.53
C SER B 256 -7.20 -13.59 -4.10
N ALA B 257 -8.39 -13.16 -3.70
CA ALA B 257 -8.71 -12.77 -2.33
C ALA B 257 -10.19 -13.02 -2.08
N VAL B 258 -10.51 -13.25 -0.82
CA VAL B 258 -11.85 -13.56 -0.38
C VAL B 258 -12.25 -12.72 0.83
N VAL B 259 -13.49 -12.20 0.83
CA VAL B 259 -14.09 -11.58 1.98
C VAL B 259 -15.30 -12.42 2.38
N LEU B 260 -15.34 -12.84 3.64
CA LEU B 260 -16.41 -13.69 4.17
C LEU B 260 -17.12 -12.94 5.29
N GLN B 261 -18.39 -12.60 5.06
CA GLN B 261 -19.27 -11.98 6.03
C GLN B 261 -19.91 -13.14 6.81
N CYS B 262 -19.70 -13.13 8.13
CA CYS B 262 -20.04 -14.24 9.00
C CYS B 262 -21.18 -13.90 9.96
N GLY B 263 -22.18 -13.18 9.49
CA GLY B 263 -23.30 -12.80 10.33
C GLY B 263 -23.92 -14.01 10.99
N ALA B 264 -24.13 -13.87 12.32
CA ALA B 264 -24.51 -14.98 13.17
C ALA B 264 -26.02 -15.04 13.37
N ASP B 265 -26.77 -14.22 12.66
CA ASP B 265 -28.21 -14.30 12.66
C ASP B 265 -28.78 -15.50 11.88
N SER B 266 -27.92 -16.29 11.22
CA SER B 266 -28.28 -17.55 10.60
C SER B 266 -28.23 -18.73 11.60
N LEU B 267 -27.90 -18.47 12.88
CA LEU B 267 -27.88 -19.52 13.88
C LEU B 267 -29.27 -19.81 14.43
N SER B 268 -29.46 -21.07 14.79
CA SER B 268 -30.60 -21.49 15.57
C SER B 268 -30.83 -20.57 16.77
N GLY B 269 -32.06 -20.18 16.99
CA GLY B 269 -32.42 -19.47 18.21
C GLY B 269 -32.22 -17.97 18.09
N ASP B 270 -31.86 -17.46 16.92
CA ASP B 270 -31.59 -16.04 16.77
C ASP B 270 -32.88 -15.27 16.92
N ARG B 271 -32.83 -14.15 17.64
CA ARG B 271 -34.07 -13.44 17.94
C ARG B 271 -34.74 -12.90 16.68
N LEU B 272 -34.02 -12.61 15.61
CA LEU B 272 -34.65 -12.07 14.37
CA LEU B 272 -34.64 -12.07 14.36
C LEU B 272 -34.56 -13.08 13.21
N GLY B 273 -33.81 -14.14 13.35
CA GLY B 273 -33.61 -15.07 12.25
C GLY B 273 -34.55 -16.26 12.30
N CYS B 274 -34.48 -17.07 11.26
CA CYS B 274 -35.40 -18.12 11.00
C CYS B 274 -34.67 -19.40 10.60
N PHE B 275 -33.36 -19.48 10.80
CA PHE B 275 -32.61 -20.68 10.42
C PHE B 275 -32.33 -21.55 11.66
N ASN B 276 -31.73 -22.72 11.40
CA ASN B 276 -31.48 -23.71 12.46
C ASN B 276 -30.05 -24.23 12.43
N LEU B 277 -29.10 -23.37 12.13
CA LEU B 277 -27.66 -23.79 12.14
C LEU B 277 -27.10 -23.79 13.56
N THR B 278 -26.17 -24.71 13.81
CA THR B 278 -25.39 -24.65 15.00
C THR B 278 -24.12 -23.83 14.72
N VAL B 279 -23.37 -23.57 15.78
CA VAL B 279 -22.10 -22.91 15.64
C VAL B 279 -21.16 -23.75 14.77
N LYS B 280 -21.16 -25.06 14.92
CA LYS B 280 -20.31 -25.90 14.06
C LYS B 280 -20.74 -25.82 12.58
N GLY B 281 -22.04 -25.75 12.31
CA GLY B 281 -22.50 -25.65 10.94
C GLY B 281 -22.16 -24.33 10.30
N HIS B 282 -22.25 -23.26 11.06
CA HIS B 282 -21.88 -21.96 10.59
C HIS B 282 -20.37 -21.95 10.33
N ALA B 283 -19.60 -22.44 11.28
CA ALA B 283 -18.14 -22.35 11.20
C ALA B 283 -17.57 -23.26 10.11
N LYS B 284 -18.29 -24.30 9.72
CA LYS B 284 -17.85 -25.14 8.63
C LYS B 284 -17.65 -24.28 7.38
N CYS B 285 -18.40 -23.19 7.21
CA CYS B 285 -18.24 -22.31 6.07
C CYS B 285 -16.84 -21.69 6.09
N VAL B 286 -16.36 -21.28 7.28
CA VAL B 286 -15.03 -20.72 7.42
C VAL B 286 -13.99 -21.78 7.08
N GLU B 287 -14.19 -22.99 7.60
CA GLU B 287 -13.26 -24.08 7.32
C GLU B 287 -13.18 -24.35 5.80
N VAL B 288 -14.31 -24.41 5.11
CA VAL B 288 -14.32 -24.64 3.66
C VAL B 288 -13.56 -23.52 2.93
N VAL B 289 -13.82 -22.26 3.27
CA VAL B 289 -13.18 -21.16 2.54
C VAL B 289 -11.65 -21.23 2.76
N LYS B 290 -11.24 -21.56 3.96
CA LYS B 290 -9.80 -21.65 4.27
C LYS B 290 -9.08 -22.69 3.41
N THR B 291 -9.75 -23.76 2.97
CA THR B 291 -9.07 -24.83 2.23
C THR B 291 -8.51 -24.30 0.91
N PHE B 292 -9.01 -23.16 0.42
CA PHE B 292 -8.57 -22.62 -0.87
C PHE B 292 -7.26 -21.82 -0.72
N ASN B 293 -6.78 -21.59 0.51
CA ASN B 293 -5.42 -20.95 0.72
C ASN B 293 -5.33 -19.60 0.03
N LEU B 294 -6.41 -18.81 0.10
CA LEU B 294 -6.42 -17.46 -0.40
C LEU B 294 -6.49 -16.46 0.76
N PRO B 295 -5.86 -15.30 0.59
CA PRO B 295 -5.97 -14.21 1.56
C PRO B 295 -7.45 -13.98 1.89
N LEU B 296 -7.77 -13.90 3.18
CA LEU B 296 -9.14 -13.98 3.64
C LEU B 296 -9.41 -12.92 4.71
N LEU B 297 -10.42 -12.07 4.44
CA LEU B 297 -10.91 -11.12 5.42
C LEU B 297 -12.24 -11.65 5.96
N MET B 298 -12.29 -11.89 7.25
CA MET B 298 -13.48 -12.40 7.94
CA MET B 298 -13.48 -12.41 7.93
C MET B 298 -14.12 -11.25 8.71
N LEU B 299 -15.41 -11.01 8.44
CA LEU B 299 -16.16 -9.92 9.01
C LEU B 299 -17.36 -10.46 9.79
N GLY B 300 -17.85 -9.60 10.70
CA GLY B 300 -19.07 -9.86 11.43
C GLY B 300 -20.31 -9.64 10.57
N GLY B 301 -21.38 -9.27 11.26
CA GLY B 301 -22.66 -9.14 10.59
C GLY B 301 -23.76 -9.09 11.61
N GLY B 302 -24.96 -9.50 11.24
CA GLY B 302 -26.04 -9.50 12.21
C GLY B 302 -25.87 -10.60 13.24
N GLY B 303 -26.83 -10.69 14.13
CA GLY B 303 -26.83 -11.64 15.21
C GLY B 303 -27.38 -10.97 16.48
N TYR B 304 -28.45 -11.58 17.03
CA TYR B 304 -29.36 -10.90 17.98
C TYR B 304 -29.52 -11.68 19.28
N THR B 305 -29.14 -12.95 19.31
CA THR B 305 -29.09 -13.72 20.54
C THR B 305 -27.63 -13.64 20.96
N ILE B 306 -27.33 -12.69 21.85
CA ILE B 306 -25.93 -12.22 21.89
C ILE B 306 -25.03 -13.29 22.49
N ARG B 307 -25.50 -14.14 23.41
CA ARG B 307 -24.66 -15.24 23.89
C ARG B 307 -24.21 -16.13 22.70
N ASN B 308 -25.08 -16.32 21.71
CA ASN B 308 -24.73 -17.23 20.60
C ASN B 308 -23.83 -16.51 19.59
N VAL B 309 -23.95 -15.21 19.48
CA VAL B 309 -23.04 -14.45 18.65
C VAL B 309 -21.61 -14.61 19.18
N ALA B 310 -21.47 -14.43 20.51
CA ALA B 310 -20.16 -14.52 21.13
C ALA B 310 -19.59 -15.92 20.92
N ARG B 311 -20.44 -16.94 21.09
CA ARG B 311 -19.98 -18.33 20.86
C ARG B 311 -19.50 -18.51 19.41
N CYS B 312 -20.31 -18.05 18.48
CA CYS B 312 -20.06 -18.26 17.06
C CYS B 312 -18.73 -17.63 16.64
N TRP B 313 -18.57 -16.37 16.96
CA TRP B 313 -17.36 -15.61 16.49
C TRP B 313 -16.14 -16.07 17.27
N THR B 314 -16.30 -16.50 18.53
CA THR B 314 -15.17 -17.09 19.24
C THR B 314 -14.72 -18.36 18.54
N TYR B 315 -15.67 -19.26 18.24
CA TYR B 315 -15.27 -20.54 17.60
C TYR B 315 -14.68 -20.24 16.20
N GLU B 316 -15.25 -19.29 15.45
CA GLU B 316 -14.73 -18.98 14.10
C GLU B 316 -13.33 -18.38 14.18
N THR B 317 -13.03 -17.66 15.26
CA THR B 317 -11.64 -17.18 15.48
C THR B 317 -10.72 -18.38 15.69
N ALA B 318 -11.17 -19.36 16.49
CA ALA B 318 -10.38 -20.56 16.70
C ALA B 318 -10.17 -21.31 15.38
N VAL B 319 -11.20 -21.39 14.56
CA VAL B 319 -11.08 -22.04 13.23
C VAL B 319 -10.03 -21.29 12.39
N ALA B 320 -10.08 -19.97 12.39
CA ALA B 320 -9.08 -19.18 11.65
C ALA B 320 -7.67 -19.56 12.11
N LEU B 321 -7.52 -19.77 13.42
CA LEU B 321 -6.22 -20.09 14.01
C LEU B 321 -5.88 -21.58 13.92
N ASP B 322 -6.75 -22.36 13.29
N ASP B 322 -6.72 -22.39 13.30
CA ASP B 322 -6.59 -23.80 13.13
CA ASP B 322 -6.44 -23.84 13.19
C ASP B 322 -6.36 -24.50 14.47
C ASP B 322 -6.34 -24.53 14.51
N CYS B 323 -7.15 -24.13 15.47
CA CYS B 323 -7.10 -24.85 16.69
C CYS B 323 -8.51 -25.13 17.18
N GLU B 324 -8.57 -26.10 18.07
CA GLU B 324 -9.81 -26.41 18.70
C GLU B 324 -9.77 -25.79 20.10
N ILE B 325 -10.95 -25.57 20.61
CA ILE B 325 -11.08 -25.06 21.96
C ILE B 325 -12.14 -25.93 22.64
N PRO B 326 -12.05 -26.05 23.96
CA PRO B 326 -12.99 -26.89 24.70
C PRO B 326 -14.43 -26.37 24.67
N ASN B 327 -15.36 -27.34 24.73
CA ASN B 327 -16.78 -26.95 24.80
C ASN B 327 -17.08 -26.29 26.16
N GLU B 328 -16.37 -26.68 27.19
CA GLU B 328 -16.53 -26.05 28.54
C GLU B 328 -16.09 -24.58 28.45
N LEU B 329 -17.01 -23.61 28.66
CA LEU B 329 -16.62 -22.23 28.55
C LEU B 329 -15.69 -21.83 29.72
N PRO B 330 -14.64 -21.03 29.43
CA PRO B 330 -13.83 -20.51 30.50
C PRO B 330 -14.62 -19.44 31.27
N TYR B 331 -14.28 -19.25 32.53
CA TYR B 331 -14.82 -18.08 33.25
C TYR B 331 -14.51 -16.80 32.44
N ASN B 332 -15.41 -15.83 32.47
CA ASN B 332 -15.25 -14.63 31.69
C ASN B 332 -16.17 -13.55 32.28
N ASP B 333 -16.00 -12.33 31.80
CA ASP B 333 -16.70 -11.16 32.38
C ASP B 333 -18.22 -11.26 32.19
N TYR B 334 -18.69 -12.13 31.27
CA TYR B 334 -20.12 -12.27 30.92
C TYR B 334 -20.59 -13.71 31.17
N PHE B 335 -19.94 -14.43 32.10
CA PHE B 335 -20.19 -15.87 32.23
C PHE B 335 -21.68 -16.19 32.42
N GLU B 336 -22.41 -15.40 33.22
CA GLU B 336 -23.80 -15.66 33.49
C GLU B 336 -24.67 -15.59 32.22
N TYR B 337 -24.20 -14.91 31.18
CA TYR B 337 -24.99 -14.81 29.93
C TYR B 337 -25.08 -16.18 29.22
N PHE B 338 -24.23 -17.13 29.58
CA PHE B 338 -24.11 -18.36 28.83
C PHE B 338 -24.80 -19.55 29.52
N GLY B 339 -25.57 -19.31 30.58
CA GLY B 339 -26.40 -20.32 31.14
C GLY B 339 -27.48 -20.77 30.17
N PRO B 340 -28.09 -21.93 30.41
CA PRO B 340 -27.95 -22.72 31.62
C PRO B 340 -26.80 -23.73 31.58
N ASP B 341 -26.23 -23.88 30.39
CA ASP B 341 -25.27 -24.97 30.13
C ASP B 341 -23.78 -24.53 30.21
N PHE B 342 -23.49 -23.28 29.94
CA PHE B 342 -22.11 -22.75 29.98
C PHE B 342 -21.22 -23.55 29.02
N LYS B 343 -21.77 -23.94 27.88
CA LYS B 343 -20.99 -24.59 26.79
C LYS B 343 -20.84 -23.64 25.60
N LEU B 344 -19.82 -23.89 24.81
CA LEU B 344 -19.56 -23.13 23.60
C LEU B 344 -20.56 -23.46 22.50
N HIS B 345 -20.83 -24.75 22.33
CA HIS B 345 -21.64 -25.24 21.19
C HIS B 345 -23.12 -25.24 21.55
N ILE B 346 -23.95 -25.09 20.53
CA ILE B 346 -25.39 -25.02 20.69
C ILE B 346 -26.04 -26.16 19.92
N SER B 347 -27.24 -26.52 20.38
CA SER B 347 -28.03 -27.56 19.78
C SER B 347 -29.05 -26.94 18.84
N PRO B 348 -29.38 -27.65 17.78
CA PRO B 348 -30.45 -27.16 16.93
C PRO B 348 -31.80 -27.27 17.63
N SER B 349 -32.81 -26.53 17.15
CA SER B 349 -34.17 -26.70 17.64
C SER B 349 -34.93 -27.76 16.85
N ASN B 350 -36.19 -27.99 17.22
CA ASN B 350 -37.06 -28.93 16.55
C ASN B 350 -37.81 -28.24 15.39
N MET B 351 -37.43 -27.03 14.99
CA MET B 351 -38.21 -26.37 13.91
C MET B 351 -38.10 -27.16 12.61
N THR B 352 -39.16 -27.11 11.83
CA THR B 352 -39.21 -27.77 10.54
C THR B 352 -38.23 -27.12 9.55
N ASN B 353 -37.47 -27.95 8.84
CA ASN B 353 -36.66 -27.48 7.74
C ASN B 353 -37.53 -27.43 6.48
N GLN B 354 -37.90 -26.22 6.07
CA GLN B 354 -38.76 -26.03 4.88
C GLN B 354 -37.97 -26.20 3.57
N ASN B 355 -36.65 -26.31 3.64
CA ASN B 355 -35.80 -26.55 2.48
C ASN B 355 -35.70 -28.05 2.21
N THR B 356 -36.55 -28.52 1.32
CA THR B 356 -36.55 -29.96 0.96
C THR B 356 -35.25 -30.29 0.25
N PRO B 357 -34.85 -31.57 0.30
CA PRO B 357 -33.65 -31.97 -0.47
C PRO B 357 -33.74 -31.59 -1.96
N GLU B 358 -34.92 -31.76 -2.55
CA GLU B 358 -35.11 -31.51 -3.96
C GLU B 358 -35.01 -30.00 -4.24
N TYR B 359 -35.53 -29.20 -3.33
CA TYR B 359 -35.44 -27.74 -3.46
C TYR B 359 -33.95 -27.35 -3.51
N MET B 360 -33.19 -27.86 -2.55
CA MET B 360 -31.80 -27.45 -2.42
CA MET B 360 -31.81 -27.45 -2.43
C MET B 360 -31.03 -27.87 -3.68
N GLU B 361 -31.27 -29.09 -4.14
CA GLU B 361 -30.54 -29.57 -5.33
C GLU B 361 -30.97 -28.83 -6.59
N LYS B 362 -32.25 -28.51 -6.71
CA LYS B 362 -32.72 -27.81 -7.90
C LYS B 362 -32.11 -26.42 -7.97
N ILE B 363 -32.09 -25.71 -6.85
CA ILE B 363 -31.48 -24.35 -6.82
C ILE B 363 -29.97 -24.49 -7.13
N LYS B 364 -29.30 -25.46 -6.51
CA LYS B 364 -27.88 -25.65 -6.80
CA LYS B 364 -27.88 -25.65 -6.81
C LYS B 364 -27.66 -25.87 -8.30
N GLN B 365 -28.53 -26.66 -8.93
CA GLN B 365 -28.35 -26.99 -10.32
C GLN B 365 -28.52 -25.73 -11.18
N ARG B 366 -29.50 -24.86 -10.86
CA ARG B 366 -29.67 -23.60 -11.59
C ARG B 366 -28.42 -22.73 -11.41
N LEU B 367 -27.88 -22.64 -10.19
CA LEU B 367 -26.66 -21.82 -9.96
C LEU B 367 -25.47 -22.41 -10.71
N PHE B 368 -25.34 -23.74 -10.75
CA PHE B 368 -24.24 -24.36 -11.50
C PHE B 368 -24.35 -24.00 -12.98
N GLU B 369 -25.57 -23.95 -13.53
CA GLU B 369 -25.76 -23.59 -14.93
C GLU B 369 -25.24 -22.17 -15.15
N ASN B 370 -25.52 -21.26 -14.22
CA ASN B 370 -25.04 -19.89 -14.36
C ASN B 370 -23.51 -19.84 -14.27
N LEU B 371 -22.91 -20.62 -13.38
CA LEU B 371 -21.46 -20.54 -13.18
C LEU B 371 -20.74 -21.10 -14.41
N ARG B 372 -21.35 -22.07 -15.09
CA ARG B 372 -20.76 -22.63 -16.31
C ARG B 372 -20.71 -21.57 -17.43
N MET B 373 -21.40 -20.44 -17.29
CA MET B 373 -21.38 -19.36 -18.29
C MET B 373 -20.13 -18.47 -18.16
N LEU B 374 -19.36 -18.60 -17.07
CA LEU B 374 -18.11 -17.84 -16.91
C LEU B 374 -17.11 -18.29 -17.99
N PRO B 375 -16.21 -17.39 -18.40
CA PRO B 375 -15.28 -17.70 -19.52
C PRO B 375 -14.27 -18.80 -19.16
N LYS C 9 -9.25 -8.66 -50.34
CA LYS C 9 -8.51 -8.56 -49.04
C LYS C 9 -7.32 -7.61 -49.20
N LYS C 10 -6.46 -7.57 -48.19
CA LYS C 10 -5.40 -6.58 -48.15
C LYS C 10 -4.11 -7.19 -48.74
N LYS C 11 -3.36 -6.36 -49.46
CA LYS C 11 -2.10 -6.76 -50.09
C LYS C 11 -0.95 -6.63 -49.08
N VAL C 12 -0.12 -7.68 -49.01
CA VAL C 12 1.01 -7.72 -48.09
C VAL C 12 2.29 -7.92 -48.90
N CYS C 13 3.27 -7.04 -48.72
CA CYS C 13 4.58 -7.19 -49.31
C CYS C 13 5.57 -7.46 -48.17
N TYR C 14 6.51 -8.36 -48.40
CA TYR C 14 7.36 -8.91 -47.37
C TYR C 14 8.81 -8.86 -47.85
N TYR C 15 9.70 -8.34 -47.02
CA TYR C 15 11.09 -8.04 -47.41
C TYR C 15 12.02 -9.01 -46.68
N TYR C 16 12.87 -9.66 -47.43
CA TYR C 16 13.78 -10.64 -46.85
C TYR C 16 14.99 -10.83 -47.78
N ASP C 17 16.19 -10.80 -47.19
CA ASP C 17 17.40 -11.17 -47.92
C ASP C 17 17.98 -12.43 -47.30
N GLY C 18 18.22 -13.43 -48.14
CA GLY C 18 18.67 -14.75 -47.72
C GLY C 18 20.02 -14.74 -47.00
N ASP C 19 20.80 -13.67 -47.10
CA ASP C 19 22.05 -13.57 -46.33
C ASP C 19 21.88 -13.08 -44.89
N ILE C 20 20.71 -12.57 -44.55
CA ILE C 20 20.55 -11.89 -43.27
C ILE C 20 20.89 -12.83 -42.10
N GLY C 21 20.54 -14.09 -42.21
CA GLY C 21 20.76 -15.03 -41.12
C GLY C 21 22.22 -15.43 -40.95
N ASN C 22 23.08 -15.00 -41.86
CA ASN C 22 24.49 -15.33 -41.78
C ASN C 22 25.28 -14.31 -40.96
N TYR C 23 24.69 -13.17 -40.58
CA TYR C 23 25.44 -12.16 -39.80
C TYR C 23 25.49 -12.64 -38.36
N TYR C 24 26.66 -12.51 -37.74
CA TYR C 24 26.91 -13.13 -36.44
C TYR C 24 27.55 -12.12 -35.48
N TYR C 25 26.83 -11.82 -34.39
CA TYR C 25 27.26 -10.80 -33.42
C TYR C 25 28.46 -11.30 -32.59
N GLY C 26 28.72 -12.61 -32.57
CA GLY C 26 29.89 -13.13 -31.89
C GLY C 26 29.47 -14.14 -30.83
N GLN C 27 30.44 -14.96 -30.38
CA GLN C 27 30.18 -15.99 -29.39
C GLN C 27 29.58 -15.37 -28.12
N GLY C 28 28.43 -15.88 -27.73
CA GLY C 28 27.81 -15.51 -26.46
C GLY C 28 26.86 -14.33 -26.59
N HIS C 29 26.84 -13.65 -27.72
CA HIS C 29 25.97 -12.50 -27.85
C HIS C 29 24.53 -12.98 -28.08
N PRO C 30 23.59 -12.46 -27.30
CA PRO C 30 22.21 -12.98 -27.41
C PRO C 30 21.46 -12.61 -28.70
N MET C 31 21.90 -11.59 -29.43
CA MET C 31 21.23 -11.20 -30.66
C MET C 31 21.66 -12.15 -31.79
N LYS C 32 20.69 -12.88 -32.38
CA LYS C 32 20.96 -13.94 -33.37
C LYS C 32 20.15 -13.67 -34.65
N PRO C 33 20.73 -12.96 -35.64
CA PRO C 33 20.04 -12.73 -36.94
C PRO C 33 19.47 -14.01 -37.58
N HIS C 34 20.05 -15.16 -37.30
CA HIS C 34 19.55 -16.47 -37.75
C HIS C 34 18.06 -16.65 -37.43
N ARG C 35 17.58 -16.05 -36.36
CA ARG C 35 16.16 -16.18 -36.00
C ARG C 35 15.27 -15.67 -37.15
N ILE C 36 15.77 -14.76 -37.98
CA ILE C 36 14.98 -14.21 -39.09
C ILE C 36 14.85 -15.27 -40.19
N ARG C 37 15.90 -16.03 -40.42
CA ARG C 37 15.88 -17.14 -41.40
C ARG C 37 14.97 -18.27 -40.91
N MET C 38 14.99 -18.53 -39.60
CA MET C 38 14.09 -19.54 -39.02
C MET C 38 12.64 -19.12 -39.23
N THR C 39 12.38 -17.87 -38.94
CA THR C 39 11.05 -17.28 -39.14
C THR C 39 10.64 -17.51 -40.61
N HIS C 40 11.54 -17.11 -41.52
CA HIS C 40 11.25 -17.18 -42.97
C HIS C 40 10.91 -18.61 -43.40
N ASN C 41 11.72 -19.56 -42.94
CA ASN C 41 11.57 -20.92 -43.32
C ASN C 41 10.24 -21.47 -42.80
N LEU C 42 9.89 -21.10 -41.58
CA LEU C 42 8.67 -21.59 -40.98
C LEU C 42 7.47 -21.05 -41.77
N LEU C 43 7.46 -19.76 -42.06
CA LEU C 43 6.28 -19.20 -42.73
C LEU C 43 6.21 -19.70 -44.19
N LEU C 44 7.35 -19.98 -44.86
CA LEU C 44 7.31 -20.59 -46.21
C LEU C 44 6.63 -21.96 -46.15
N ASN C 45 6.96 -22.74 -45.12
CA ASN C 45 6.46 -24.10 -44.99
C ASN C 45 4.98 -24.12 -44.59
N TYR C 46 4.48 -23.02 -44.03
CA TYR C 46 3.04 -22.85 -43.82
C TYR C 46 2.35 -22.42 -45.12
N GLY C 47 3.12 -22.11 -46.16
CA GLY C 47 2.58 -21.79 -47.47
C GLY C 47 2.22 -20.32 -47.61
N LEU C 48 2.64 -19.46 -46.67
CA LEU C 48 2.18 -18.04 -46.66
C LEU C 48 2.77 -17.25 -47.86
N TYR C 49 3.81 -17.78 -48.50
CA TYR C 49 4.36 -17.19 -49.75
C TYR C 49 3.34 -17.21 -50.89
N ARG C 50 2.34 -18.09 -50.83
CA ARG C 50 1.31 -18.15 -51.86
C ARG C 50 0.42 -16.89 -51.81
N LYS C 51 0.47 -16.16 -50.69
CA LYS C 51 -0.53 -15.15 -50.36
C LYS C 51 0.08 -13.75 -50.33
N MET C 52 1.40 -13.60 -50.50
CA MET C 52 2.01 -12.28 -50.37
C MET C 52 3.20 -12.18 -51.33
N GLU C 53 3.57 -10.94 -51.65
CA GLU C 53 4.66 -10.68 -52.57
C GLU C 53 5.95 -10.61 -51.75
N ILE C 54 6.96 -11.38 -52.16
CA ILE C 54 8.24 -11.43 -51.41
C ILE C 54 9.33 -10.76 -52.25
N TYR C 55 9.99 -9.79 -51.63
CA TYR C 55 11.02 -8.98 -52.26
C TYR C 55 12.34 -9.09 -51.51
N ARG C 56 13.41 -9.16 -52.28
CA ARG C 56 14.73 -8.98 -51.75
C ARG C 56 15.02 -7.49 -51.76
N PRO C 57 15.24 -6.89 -50.57
CA PRO C 57 15.40 -5.42 -50.54
C PRO C 57 16.77 -5.00 -51.06
N HIS C 58 16.81 -3.83 -51.68
CA HIS C 58 18.08 -3.19 -52.04
C HIS C 58 18.81 -2.80 -50.74
N LYS C 59 20.13 -2.93 -50.72
CA LYS C 59 20.93 -2.44 -49.59
C LYS C 59 20.77 -0.92 -49.49
N ALA C 60 20.46 -0.42 -48.29
CA ALA C 60 20.42 1.01 -48.06
C ALA C 60 21.84 1.58 -48.23
N THR C 61 21.96 2.72 -48.90
CA THR C 61 23.26 3.32 -49.11
C THR C 61 23.70 4.07 -47.85
N ALA C 62 25.03 4.27 -47.73
CA ALA C 62 25.58 5.14 -46.70
C ALA C 62 24.92 6.53 -46.78
N GLU C 63 24.70 7.02 -47.99
CA GLU C 63 24.11 8.36 -48.16
C GLU C 63 22.70 8.37 -47.57
N GLU C 64 21.90 7.35 -47.88
CA GLU C 64 20.54 7.23 -47.32
C GLU C 64 20.60 7.29 -45.78
N MET C 65 21.55 6.60 -45.18
CA MET C 65 21.64 6.55 -43.72
C MET C 65 21.92 7.94 -43.13
N THR C 66 22.66 8.78 -43.85
CA THR C 66 23.02 10.14 -43.34
C THR C 66 21.85 11.12 -43.49
N LYS C 67 20.69 10.66 -43.98
CA LYS C 67 19.50 11.48 -43.85
C LYS C 67 19.15 11.68 -42.37
N TYR C 68 19.59 10.78 -41.50
CA TYR C 68 19.38 10.90 -40.05
C TYR C 68 20.72 10.86 -39.29
N HIS C 69 21.54 9.82 -39.56
CA HIS C 69 22.77 9.63 -38.81
C HIS C 69 23.87 10.60 -39.27
N SER C 70 24.78 10.93 -38.36
CA SER C 70 25.87 11.80 -38.70
C SER C 70 26.85 11.11 -39.67
N ASP C 71 27.48 11.91 -40.50
CA ASP C 71 28.43 11.37 -41.46
C ASP C 71 29.61 10.68 -40.79
N GLU C 72 30.10 11.25 -39.69
CA GLU C 72 31.26 10.64 -39.03
C GLU C 72 30.89 9.28 -38.45
N TYR C 73 29.67 9.15 -37.93
CA TYR C 73 29.21 7.87 -37.37
C TYR C 73 29.10 6.82 -38.49
N ILE C 74 28.45 7.20 -39.60
CA ILE C 74 28.24 6.26 -40.69
C ILE C 74 29.59 5.90 -41.31
N LYS C 75 30.49 6.88 -41.49
CA LYS C 75 31.84 6.58 -41.99
C LYS C 75 32.54 5.57 -41.09
N PHE C 76 32.40 5.75 -39.79
CA PHE C 76 32.99 4.80 -38.81
C PHE C 76 32.39 3.38 -39.00
N LEU C 77 31.08 3.28 -39.11
CA LEU C 77 30.44 1.96 -39.27
C LEU C 77 30.91 1.27 -40.55
N ARG C 78 31.13 2.07 -41.60
CA ARG C 78 31.58 1.52 -42.89
C ARG C 78 33.05 1.07 -42.80
N SER C 79 33.83 1.64 -41.86
CA SER C 79 35.29 1.51 -41.85
C SER C 79 35.79 0.52 -40.79
N ILE C 80 35.04 0.37 -39.72
CA ILE C 80 35.53 -0.44 -38.57
C ILE C 80 35.51 -1.92 -38.94
N ARG C 81 36.52 -2.65 -38.51
CA ARG C 81 36.60 -4.08 -38.76
C ARG C 81 37.19 -4.77 -37.52
N PRO C 82 36.90 -6.05 -37.33
CA PRO C 82 37.57 -6.75 -36.19
C PRO C 82 39.08 -6.55 -36.09
N ASP C 83 39.76 -6.51 -37.22
CA ASP C 83 41.20 -6.43 -37.23
C ASP C 83 41.81 -5.03 -37.18
N ASN C 84 40.99 -3.96 -37.13
CA ASN C 84 41.53 -2.59 -37.08
C ASN C 84 41.04 -1.82 -35.84
N MET C 85 40.42 -2.47 -34.85
CA MET C 85 39.81 -1.76 -33.71
C MET C 85 40.86 -0.95 -32.93
N SER C 86 42.10 -1.42 -32.88
CA SER C 86 43.15 -0.70 -32.17
C SER C 86 43.32 0.74 -32.70
N GLU C 87 43.09 0.95 -34.00
CA GLU C 87 43.26 2.28 -34.63
C GLU C 87 42.07 3.18 -34.33
N TYR C 88 40.95 2.63 -33.83
CA TYR C 88 39.69 3.37 -33.74
C TYR C 88 39.20 3.48 -32.29
N SER C 89 40.08 3.36 -31.29
CA SER C 89 39.58 3.26 -29.89
C SER C 89 38.82 4.52 -29.49
N LYS C 90 39.26 5.70 -29.90
CA LYS C 90 38.55 6.93 -29.53
C LYS C 90 37.17 7.00 -30.19
N GLN C 91 37.10 6.67 -31.48
CA GLN C 91 35.82 6.62 -32.18
C GLN C 91 34.93 5.55 -31.56
N MET C 92 35.51 4.42 -31.13
CA MET C 92 34.68 3.38 -30.52
C MET C 92 34.01 3.93 -29.25
N GLN C 93 34.75 4.69 -28.44
CA GLN C 93 34.14 5.31 -27.25
C GLN C 93 33.08 6.34 -27.68
N ARG C 94 33.41 7.17 -28.66
CA ARG C 94 32.48 8.24 -29.10
C ARG C 94 31.16 7.63 -29.57
N PHE C 95 31.26 6.51 -30.28
CA PHE C 95 30.08 5.98 -30.99
C PHE C 95 29.49 4.77 -30.25
N ASN C 96 30.04 4.41 -29.10
CA ASN C 96 29.54 3.28 -28.25
C ASN C 96 29.53 1.95 -29.01
N VAL C 97 30.59 1.67 -29.74
CA VAL C 97 30.72 0.42 -30.48
C VAL C 97 31.94 -0.35 -29.95
N GLY C 98 31.79 -1.66 -29.75
CA GLY C 98 32.89 -2.52 -29.35
C GLY C 98 32.56 -3.39 -28.14
N GLU C 99 31.46 -3.11 -27.44
CA GLU C 99 31.09 -3.89 -26.24
C GLU C 99 29.72 -4.55 -26.50
N ASP C 100 28.64 -4.03 -25.91
CA ASP C 100 27.31 -4.60 -26.13
CA ASP C 100 27.31 -4.60 -26.13
C ASP C 100 26.86 -4.44 -27.59
N CYS C 101 27.43 -3.47 -28.29
CA CYS C 101 27.24 -3.32 -29.74
C CYS C 101 28.59 -3.65 -30.41
N PRO C 102 28.85 -4.94 -30.64
CA PRO C 102 30.17 -5.35 -31.03
C PRO C 102 30.52 -5.01 -32.48
N VAL C 103 31.80 -5.07 -32.75
CA VAL C 103 32.29 -5.05 -34.12
C VAL C 103 32.28 -6.49 -34.60
N PHE C 104 31.59 -6.74 -35.70
CA PHE C 104 31.60 -8.09 -36.29
C PHE C 104 31.76 -7.97 -37.81
N ASP C 105 32.15 -9.08 -38.44
CA ASP C 105 32.34 -9.15 -39.87
C ASP C 105 31.00 -8.89 -40.59
N GLY C 106 31.03 -7.92 -41.51
CA GLY C 106 29.83 -7.59 -42.28
C GLY C 106 28.83 -6.71 -41.56
N LEU C 107 29.25 -6.10 -40.45
CA LEU C 107 28.39 -5.18 -39.69
C LEU C 107 27.71 -4.18 -40.62
N PHE C 108 28.47 -3.53 -41.50
CA PHE C 108 27.84 -2.47 -42.33
C PHE C 108 26.76 -3.07 -43.25
N GLU C 109 27.06 -4.22 -43.84
CA GLU C 109 26.11 -4.86 -44.77
C GLU C 109 24.84 -5.27 -44.01
N PHE C 110 25.02 -5.73 -42.77
CA PHE C 110 23.85 -6.05 -41.92
C PHE C 110 22.95 -4.81 -41.76
N CYS C 111 23.59 -3.68 -41.44
CA CYS C 111 22.86 -2.37 -41.33
C CYS C 111 22.16 -2.06 -42.65
N GLN C 112 22.84 -2.31 -43.78
CA GLN C 112 22.30 -1.97 -45.08
C GLN C 112 21.05 -2.80 -45.41
N LEU C 113 21.04 -4.07 -45.03
CA LEU C 113 19.93 -4.98 -45.37
C LEU C 113 18.75 -4.76 -44.43
N SER C 114 19.05 -4.57 -43.16
CA SER C 114 18.06 -4.31 -42.17
C SER C 114 17.32 -3.02 -42.57
N THR C 115 18.10 -1.98 -42.84
CA THR C 115 17.51 -0.68 -43.17
C THR C 115 16.84 -0.71 -44.55
N GLY C 116 17.46 -1.37 -45.52
CA GLY C 116 16.92 -1.46 -46.87
C GLY C 116 15.50 -2.01 -46.89
N GLY C 117 15.26 -3.03 -46.06
CA GLY C 117 13.93 -3.63 -45.99
C GLY C 117 12.89 -2.66 -45.48
N SER C 118 13.25 -1.88 -44.48
CA SER C 118 12.26 -0.97 -43.88
C SER C 118 11.96 0.21 -44.81
N VAL C 119 13.01 0.74 -45.44
CA VAL C 119 12.81 1.86 -46.33
C VAL C 119 12.05 1.40 -47.59
N ALA C 120 12.42 0.24 -48.14
CA ALA C 120 11.71 -0.33 -49.30
C ALA C 120 10.22 -0.49 -48.99
N GLY C 121 9.90 -0.97 -47.78
CA GLY C 121 8.50 -1.10 -47.35
C GLY C 121 7.77 0.23 -47.35
N ALA C 122 8.45 1.25 -46.82
CA ALA C 122 7.89 2.60 -46.76
C ALA C 122 7.64 3.13 -48.17
N VAL C 123 8.59 2.92 -49.08
CA VAL C 123 8.41 3.37 -50.47
C VAL C 123 7.18 2.68 -51.07
N LYS C 124 7.04 1.38 -50.81
CA LYS C 124 5.94 0.61 -51.41
C LYS C 124 4.58 1.15 -50.90
N LEU C 125 4.53 1.49 -49.62
CA LEU C 125 3.33 2.09 -49.00
C LEU C 125 3.08 3.48 -49.59
N ASN C 126 4.11 4.31 -49.67
CA ASN C 126 3.99 5.65 -50.29
C ASN C 126 3.44 5.56 -51.73
N ARG C 127 3.88 4.55 -52.49
CA ARG C 127 3.45 4.42 -53.89
C ARG C 127 2.06 3.78 -53.98
N GLN C 128 1.45 3.41 -52.84
CA GLN C 128 0.09 2.85 -52.80
C GLN C 128 0.06 1.52 -53.57
N GLN C 129 1.16 0.78 -53.46
CA GLN C 129 1.33 -0.49 -54.19
C GLN C 129 1.18 -1.67 -53.20
N THR C 130 0.95 -1.38 -51.92
CA THR C 130 0.64 -2.41 -50.93
C THR C 130 -0.14 -1.78 -49.78
N ASP C 131 -0.84 -2.61 -49.00
CA ASP C 131 -1.53 -2.15 -47.80
C ASP C 131 -0.69 -2.34 -46.57
N MET C 132 0.11 -3.41 -46.59
CA MET C 132 1.02 -3.71 -45.49
C MET C 132 2.39 -4.08 -46.07
N ALA C 133 3.44 -3.67 -45.39
CA ALA C 133 4.80 -4.09 -45.71
C ALA C 133 5.43 -4.67 -44.44
N VAL C 134 6.20 -5.75 -44.60
CA VAL C 134 6.76 -6.50 -43.50
C VAL C 134 8.28 -6.60 -43.68
N ASN C 135 9.02 -6.24 -42.63
CA ASN C 135 10.48 -6.41 -42.59
C ASN C 135 10.92 -6.92 -41.21
N TRP C 136 10.97 -8.25 -41.05
CA TRP C 136 11.30 -8.80 -39.74
C TRP C 136 12.76 -8.54 -39.37
N ALA C 137 13.62 -8.19 -40.34
CA ALA C 137 15.03 -7.84 -40.02
C ALA C 137 15.17 -6.40 -39.54
N GLY C 138 14.09 -5.62 -39.53
CA GLY C 138 14.08 -4.25 -39.03
C GLY C 138 13.64 -4.13 -37.57
N GLY C 139 13.39 -2.89 -37.17
CA GLY C 139 12.91 -2.57 -35.84
C GLY C 139 14.00 -2.20 -34.86
N LEU C 140 15.11 -1.60 -35.34
CA LEU C 140 16.29 -1.41 -34.50
C LEU C 140 16.20 -0.06 -33.76
N HIS C 141 15.29 -0.06 -32.76
CA HIS C 141 14.72 1.15 -32.23
C HIS C 141 15.65 1.97 -31.34
N HIS C 142 16.78 1.44 -30.92
CA HIS C 142 17.65 2.15 -29.98
C HIS C 142 18.74 3.00 -30.66
N ALA C 143 19.03 2.79 -31.95
CA ALA C 143 20.18 3.50 -32.57
C ALA C 143 19.90 5.01 -32.56
N LYS C 144 20.92 5.79 -32.24
CA LYS C 144 20.83 7.24 -32.19
C LYS C 144 21.59 7.88 -33.35
N LYS C 145 21.48 9.20 -33.46
CA LYS C 145 22.07 9.93 -34.57
C LYS C 145 23.55 9.60 -34.72
N SER C 146 24.30 9.57 -33.60
CA SER C 146 25.76 9.38 -33.64
CA SER C 146 25.74 9.37 -33.65
C SER C 146 26.18 8.38 -32.58
N GLU C 147 25.36 7.36 -32.32
CA GLU C 147 25.72 6.38 -31.28
C GLU C 147 24.97 5.06 -31.53
N ALA C 148 25.71 3.96 -31.48
CA ALA C 148 25.11 2.64 -31.37
C ALA C 148 24.55 2.45 -29.95
N SER C 149 23.49 1.66 -29.86
CA SER C 149 22.86 1.41 -28.57
C SER C 149 22.02 0.12 -28.63
N GLY C 150 22.09 -0.72 -27.60
CA GLY C 150 21.11 -1.82 -27.46
C GLY C 150 21.13 -2.76 -28.66
N PHE C 151 22.32 -3.08 -29.11
CA PHE C 151 22.59 -3.99 -30.24
C PHE C 151 22.22 -3.35 -31.60
N CYS C 152 21.83 -2.06 -31.62
CA CYS C 152 21.38 -1.37 -32.83
C CYS C 152 22.46 -0.38 -33.30
N TYR C 153 22.69 -0.31 -34.60
CA TYR C 153 23.68 0.62 -35.13
C TYR C 153 23.01 1.69 -35.97
N VAL C 154 22.12 1.28 -36.87
CA VAL C 154 21.43 2.21 -37.76
C VAL C 154 19.93 2.10 -37.51
N ASN C 155 19.31 3.25 -37.33
CA ASN C 155 17.90 3.28 -36.95
C ASN C 155 17.02 3.16 -38.19
N ASP C 156 16.74 1.94 -38.60
CA ASP C 156 15.97 1.70 -39.80
C ASP C 156 14.56 2.30 -39.67
N ILE C 157 14.03 2.34 -38.45
CA ILE C 157 12.69 2.79 -38.19
C ILE C 157 12.59 4.29 -38.52
N VAL C 158 13.55 5.04 -37.98
CA VAL C 158 13.57 6.46 -38.21
C VAL C 158 13.69 6.75 -39.71
N LEU C 159 14.60 6.04 -40.36
CA LEU C 159 14.77 6.29 -41.81
C LEU C 159 13.49 5.93 -42.59
N ALA C 160 12.80 4.87 -42.20
CA ALA C 160 11.54 4.49 -42.86
C ALA C 160 10.47 5.55 -42.61
N ILE C 161 10.43 6.06 -41.40
CA ILE C 161 9.43 7.09 -41.09
C ILE C 161 9.75 8.38 -41.87
N LEU C 162 11.03 8.76 -41.97
CA LEU C 162 11.36 9.94 -42.80
C LEU C 162 10.84 9.75 -44.24
N GLU C 163 10.96 8.52 -44.75
CA GLU C 163 10.45 8.25 -46.09
C GLU C 163 8.92 8.39 -46.11
N LEU C 164 8.21 7.81 -45.12
CA LEU C 164 6.74 7.93 -45.08
C LEU C 164 6.29 9.39 -44.99
N LEU C 165 7.04 10.23 -44.30
CA LEU C 165 6.66 11.64 -44.10
C LEU C 165 6.68 12.43 -45.41
N LYS C 166 7.28 11.89 -46.47
CA LYS C 166 7.19 12.57 -47.76
C LYS C 166 5.76 12.55 -48.29
N TYR C 167 5.00 11.51 -47.92
CA TYR C 167 3.67 11.28 -48.50
C TYR C 167 2.57 11.33 -47.42
N HIS C 168 2.94 11.39 -46.14
CA HIS C 168 1.98 11.27 -45.03
C HIS C 168 2.18 12.42 -44.05
N GLN C 169 1.14 13.20 -43.80
CA GLN C 169 1.23 14.35 -42.92
C GLN C 169 1.53 13.89 -41.47
N ARG C 170 0.92 12.77 -41.06
CA ARG C 170 1.07 12.26 -39.67
C ARG C 170 1.32 10.76 -39.70
N VAL C 171 2.36 10.32 -39.00
CA VAL C 171 2.72 8.92 -38.91
C VAL C 171 2.69 8.51 -37.44
N LEU C 172 2.05 7.37 -37.15
CA LEU C 172 2.00 6.84 -35.80
C LEU C 172 2.97 5.67 -35.70
N TYR C 173 3.83 5.70 -34.68
CA TYR C 173 4.74 4.63 -34.37
C TYR C 173 4.30 3.97 -33.07
N ILE C 174 4.19 2.64 -33.09
CA ILE C 174 3.73 1.86 -31.93
C ILE C 174 4.78 0.80 -31.65
N ASP C 175 5.22 0.68 -30.41
CA ASP C 175 6.34 -0.22 -30.11
C ASP C 175 5.96 -1.21 -28.98
N ILE C 176 5.87 -2.51 -29.31
CA ILE C 176 5.42 -3.53 -28.32
C ILE C 176 6.60 -4.40 -27.93
N ASP C 177 7.79 -4.08 -28.43
CA ASP C 177 9.03 -4.64 -27.86
C ASP C 177 9.04 -4.39 -26.34
N ILE C 178 9.65 -5.26 -25.57
CA ILE C 178 9.67 -5.05 -24.12
C ILE C 178 10.50 -3.83 -23.75
N HIS C 179 11.39 -3.38 -24.64
CA HIS C 179 12.22 -2.20 -24.34
C HIS C 179 11.56 -0.92 -24.88
N HIS C 180 11.91 0.17 -24.23
CA HIS C 180 11.50 1.47 -24.68
C HIS C 180 12.16 1.82 -26.01
N GLY C 181 11.36 2.26 -26.98
CA GLY C 181 11.89 2.69 -28.28
C GLY C 181 12.48 4.09 -28.21
N ASP C 182 13.59 4.21 -27.49
CA ASP C 182 14.16 5.51 -27.19
C ASP C 182 14.71 6.26 -28.41
N GLY C 183 15.29 5.54 -29.35
CA GLY C 183 15.92 6.18 -30.51
C GLY C 183 14.88 6.81 -31.40
N VAL C 184 13.74 6.13 -31.53
CA VAL C 184 12.67 6.63 -32.37
C VAL C 184 11.98 7.81 -31.68
N GLU C 185 11.69 7.64 -30.39
CA GLU C 185 11.11 8.74 -29.61
C GLU C 185 12.01 9.97 -29.69
N GLU C 186 13.31 9.79 -29.55
CA GLU C 186 14.22 10.96 -29.56
C GLU C 186 14.21 11.64 -30.93
N ALA C 187 14.23 10.86 -32.01
CA ALA C 187 14.23 11.42 -33.37
C ALA C 187 13.05 12.38 -33.55
N PHE C 188 11.89 12.00 -33.01
CA PHE C 188 10.65 12.69 -33.33
C PHE C 188 10.08 13.44 -32.13
N TYR C 189 10.89 13.64 -31.09
CA TYR C 189 10.42 14.21 -29.81
C TYR C 189 9.81 15.61 -29.96
N THR C 190 10.28 16.40 -30.94
CA THR C 190 9.85 17.79 -31.01
C THR C 190 8.94 18.01 -32.23
N THR C 191 8.41 16.93 -32.83
CA THR C 191 7.45 17.11 -33.94
C THR C 191 6.09 16.47 -33.63
N ASP C 192 5.06 17.15 -34.09
CA ASP C 192 3.72 16.63 -34.11
C ASP C 192 3.43 15.77 -35.33
N ARG C 193 4.37 15.64 -36.25
CA ARG C 193 4.13 14.86 -37.47
C ARG C 193 4.41 13.37 -37.27
N VAL C 194 5.01 13.01 -36.15
CA VAL C 194 5.18 11.60 -35.75
C VAL C 194 4.78 11.51 -34.28
N MET C 195 3.85 10.61 -33.96
CA MET C 195 3.54 10.30 -32.57
C MET C 195 4.15 8.96 -32.26
N THR C 196 4.85 8.85 -31.13
CA THR C 196 5.50 7.61 -30.74
C THR C 196 4.78 7.07 -29.51
N VAL C 197 4.43 5.78 -29.53
CA VAL C 197 3.72 5.13 -28.44
C VAL C 197 4.50 3.87 -28.10
N SER C 198 5.07 3.82 -26.89
CA SER C 198 5.85 2.68 -26.47
C SER C 198 5.26 2.10 -25.18
N PHE C 199 5.11 0.76 -25.20
CA PHE C 199 4.79 -0.04 -24.05
C PHE C 199 6.08 -0.78 -23.67
N HIS C 200 6.50 -0.75 -22.42
CA HIS C 200 7.80 -1.34 -22.13
C HIS C 200 7.99 -1.56 -20.63
N LYS C 201 8.84 -2.53 -20.32
CA LYS C 201 9.30 -2.69 -18.94
C LYS C 201 10.11 -1.45 -18.56
N TYR C 202 9.84 -0.95 -17.34
CA TYR C 202 10.50 0.25 -16.85
C TYR C 202 10.94 0.02 -15.40
N GLY C 203 12.18 0.41 -15.09
CA GLY C 203 12.73 0.28 -13.74
C GLY C 203 13.88 -0.71 -13.72
N GLU C 204 15.08 -0.21 -13.52
CA GLU C 204 16.27 -1.08 -13.50
C GLU C 204 16.25 -1.99 -14.73
N TYR C 205 16.09 -1.35 -15.87
CA TYR C 205 15.99 -2.09 -17.10
C TYR C 205 16.40 -1.20 -18.29
N PHE C 206 17.10 -1.79 -19.25
CA PHE C 206 17.55 -1.04 -20.41
C PHE C 206 16.37 -0.45 -21.19
N PRO C 207 16.45 0.76 -21.75
CA PRO C 207 17.56 1.70 -21.67
C PRO C 207 17.48 2.70 -20.51
N GLY C 208 16.43 2.63 -19.70
CA GLY C 208 16.34 3.53 -18.53
C GLY C 208 15.46 4.74 -18.79
N THR C 209 14.91 4.80 -19.99
CA THR C 209 14.13 5.94 -20.49
C THR C 209 12.66 5.50 -20.64
N GLY C 210 11.80 6.41 -21.10
CA GLY C 210 10.39 6.07 -21.32
C GLY C 210 9.55 6.17 -20.06
N ASP C 211 9.82 7.20 -19.26
CA ASP C 211 9.02 7.52 -18.09
C ASP C 211 7.67 8.05 -18.56
N LEU C 212 6.67 7.85 -17.73
CA LEU C 212 5.33 8.34 -17.93
C LEU C 212 5.33 9.85 -18.25
N ARG C 213 6.24 10.60 -17.61
CA ARG C 213 6.28 12.05 -17.73
C ARG C 213 6.98 12.49 -19.02
N ASP C 214 7.60 11.60 -19.78
CA ASP C 214 8.25 11.97 -21.06
C ASP C 214 7.15 12.02 -22.16
N ILE C 215 6.68 13.23 -22.49
CA ILE C 215 5.50 13.39 -23.34
C ILE C 215 5.87 14.15 -24.62
N GLY C 216 7.15 14.43 -24.83
CA GLY C 216 7.56 15.28 -25.99
C GLY C 216 7.83 16.72 -25.60
N ALA C 217 8.31 17.50 -26.58
CA ALA C 217 8.64 18.92 -26.35
C ALA C 217 8.32 19.75 -27.60
N GLY C 218 8.18 21.03 -27.40
CA GLY C 218 7.89 21.95 -28.49
C GLY C 218 6.57 21.59 -29.15
N LYS C 219 6.54 21.62 -30.47
CA LYS C 219 5.34 21.22 -31.21
C LYS C 219 5.00 19.75 -30.94
N GLY C 220 5.98 18.96 -30.51
CA GLY C 220 5.79 17.57 -30.20
C GLY C 220 5.28 17.29 -28.79
N LYS C 221 5.01 18.31 -27.99
CA LYS C 221 4.49 18.05 -26.65
C LYS C 221 3.10 17.40 -26.78
N TYR C 222 2.98 16.24 -26.08
CA TYR C 222 1.79 15.35 -26.03
C TYR C 222 1.83 14.37 -27.22
N TYR C 223 2.89 14.39 -28.05
CA TYR C 223 3.00 13.40 -29.17
C TYR C 223 4.02 12.30 -28.87
N ALA C 224 4.51 12.20 -27.62
CA ALA C 224 5.22 11.01 -27.17
C ALA C 224 4.40 10.42 -26.02
N VAL C 225 4.17 9.12 -26.13
CA VAL C 225 3.32 8.39 -25.18
C VAL C 225 4.12 7.20 -24.69
N ASN C 226 4.22 7.05 -23.36
CA ASN C 226 4.97 5.98 -22.73
C ASN C 226 4.13 5.29 -21.65
N PHE C 227 4.05 3.96 -21.74
CA PHE C 227 3.35 3.15 -20.73
C PHE C 227 4.41 2.24 -20.10
N PRO C 228 4.98 2.67 -18.97
CA PRO C 228 5.97 1.89 -18.22
C PRO C 228 5.29 0.77 -17.43
N MET C 229 5.84 -0.43 -17.53
CA MET C 229 5.27 -1.62 -16.91
C MET C 229 6.32 -2.31 -16.02
N ARG C 230 5.82 -3.12 -15.10
CA ARG C 230 6.63 -3.97 -14.26
C ARG C 230 6.63 -5.40 -14.83
N ASP C 231 7.41 -6.27 -14.21
CA ASP C 231 7.49 -7.67 -14.63
C ASP C 231 6.12 -8.36 -14.68
N GLY C 232 5.98 -9.29 -15.62
CA GLY C 232 4.97 -10.34 -15.51
C GLY C 232 3.63 -9.98 -16.13
N ILE C 233 3.55 -8.91 -16.92
CA ILE C 233 2.26 -8.58 -17.54
C ILE C 233 1.86 -9.75 -18.44
N ASP C 234 0.56 -10.01 -18.47
CA ASP C 234 -0.02 -11.17 -19.15
C ASP C 234 -0.95 -10.71 -20.27
N ASP C 235 -1.45 -11.65 -21.06
CA ASP C 235 -2.25 -11.33 -22.24
C ASP C 235 -3.45 -10.44 -21.93
N GLU C 236 -4.17 -10.77 -20.86
CA GLU C 236 -5.43 -10.08 -20.47
C GLU C 236 -5.12 -8.62 -20.06
N SER C 237 -4.15 -8.46 -19.18
CA SER C 237 -3.73 -7.15 -18.66
C SER C 237 -3.18 -6.26 -19.79
N TYR C 238 -2.37 -6.85 -20.66
CA TYR C 238 -1.76 -6.09 -21.75
C TYR C 238 -2.84 -5.66 -22.73
N GLY C 239 -3.72 -6.60 -23.08
CA GLY C 239 -4.76 -6.33 -24.06
C GLY C 239 -5.73 -5.27 -23.62
N GLN C 240 -6.06 -5.24 -22.33
CA GLN C 240 -7.05 -4.29 -21.81
C GLN C 240 -6.46 -2.89 -21.69
N ILE C 241 -5.15 -2.73 -21.78
CA ILE C 241 -4.65 -1.36 -21.90
C ILE C 241 -4.28 -1.04 -23.36
N PHE C 242 -3.78 -2.02 -24.15
CA PHE C 242 -3.33 -1.71 -25.51
C PHE C 242 -4.51 -1.21 -26.35
N LYS C 243 -5.62 -1.94 -26.36
CA LYS C 243 -6.70 -1.62 -27.30
C LYS C 243 -7.33 -0.24 -27.01
N PRO C 244 -7.67 0.08 -25.75
CA PRO C 244 -8.22 1.41 -25.54
C PRO C 244 -7.22 2.56 -25.70
N ILE C 245 -5.94 2.37 -25.36
CA ILE C 245 -4.94 3.44 -25.58
C ILE C 245 -4.80 3.67 -27.10
N ILE C 246 -4.61 2.59 -27.88
CA ILE C 246 -4.39 2.78 -29.33
C ILE C 246 -5.68 3.33 -29.97
N SER C 247 -6.84 2.86 -29.54
CA SER C 247 -8.09 3.42 -30.04
C SER C 247 -8.17 4.93 -29.79
N LYS C 248 -7.80 5.39 -28.60
CA LYS C 248 -7.86 6.81 -28.30
C LYS C 248 -6.80 7.56 -29.12
N VAL C 249 -5.60 6.97 -29.26
CA VAL C 249 -4.53 7.60 -30.07
C VAL C 249 -5.06 7.81 -31.50
N MET C 250 -5.73 6.80 -32.04
CA MET C 250 -6.22 6.87 -33.43
C MET C 250 -7.25 7.99 -33.56
N GLU C 251 -8.18 8.05 -32.61
CA GLU C 251 -9.24 9.05 -32.57
C GLU C 251 -8.65 10.46 -32.53
N MET C 252 -7.65 10.67 -31.67
CA MET C 252 -7.17 12.04 -31.41
C MET C 252 -6.12 12.45 -32.46
N TYR C 253 -5.27 11.52 -32.86
CA TYR C 253 -4.13 11.83 -33.73
C TYR C 253 -4.49 11.69 -35.23
N GLN C 254 -5.38 10.76 -35.57
CA GLN C 254 -5.81 10.54 -36.96
C GLN C 254 -4.61 10.40 -37.90
N PRO C 255 -3.72 9.44 -37.66
CA PRO C 255 -2.56 9.29 -38.51
C PRO C 255 -2.93 8.77 -39.91
N SER C 256 -2.06 8.93 -40.93
CA SER C 256 -2.45 8.33 -42.21
C SER C 256 -1.54 7.16 -42.55
N ALA C 257 -0.56 6.88 -41.71
CA ALA C 257 0.25 5.66 -41.84
C ALA C 257 0.70 5.24 -40.45
N VAL C 258 0.98 3.94 -40.28
CA VAL C 258 1.37 3.38 -38.99
C VAL C 258 2.60 2.49 -39.17
N VAL C 259 3.51 2.58 -38.21
CA VAL C 259 4.67 1.71 -38.11
C VAL C 259 4.56 0.96 -36.79
N LEU C 260 4.59 -0.37 -36.85
CA LEU C 260 4.40 -1.21 -35.66
C LEU C 260 5.66 -2.03 -35.50
N GLN C 261 6.38 -1.76 -34.41
CA GLN C 261 7.57 -2.54 -34.06
C GLN C 261 7.08 -3.70 -33.20
N CYS C 262 7.36 -4.95 -33.65
CA CYS C 262 6.76 -6.18 -33.12
C CYS C 262 7.80 -7.02 -32.36
N GLY C 263 8.72 -6.37 -31.66
CA GLY C 263 9.75 -7.09 -30.89
C GLY C 263 9.12 -8.19 -30.05
N ALA C 264 9.67 -9.39 -30.17
CA ALA C 264 9.12 -10.60 -29.62
C ALA C 264 9.72 -10.91 -28.24
N ASP C 265 10.54 -9.98 -27.72
CA ASP C 265 11.10 -10.13 -26.37
C ASP C 265 10.10 -9.81 -25.26
N SER C 266 8.90 -9.40 -25.64
CA SER C 266 7.78 -9.25 -24.70
C SER C 266 7.02 -10.57 -24.49
N LEU C 267 7.44 -11.68 -25.14
CA LEU C 267 6.83 -13.01 -24.94
C LEU C 267 7.32 -13.68 -23.64
N SER C 268 6.40 -14.42 -23.04
CA SER C 268 6.72 -15.35 -21.99
C SER C 268 7.91 -16.22 -22.38
N GLY C 269 8.83 -16.38 -21.42
CA GLY C 269 9.99 -17.29 -21.55
C GLY C 269 11.09 -16.70 -22.41
N ASP C 270 11.04 -15.42 -22.72
CA ASP C 270 12.16 -14.81 -23.46
C ASP C 270 13.41 -14.76 -22.59
N ARG C 271 14.56 -15.09 -23.17
CA ARG C 271 15.77 -15.21 -22.36
C ARG C 271 16.16 -13.88 -21.69
N LEU C 272 15.84 -12.73 -22.28
CA LEU C 272 16.23 -11.41 -21.71
C LEU C 272 15.01 -10.66 -21.15
N GLY C 273 13.80 -11.08 -21.51
CA GLY C 273 12.59 -10.34 -21.15
C GLY C 273 11.96 -10.82 -19.85
N CYS C 274 10.97 -10.11 -19.35
N CYS C 274 10.96 -10.06 -19.39
CA CYS C 274 10.34 -10.47 -18.10
CA CYS C 274 10.36 -10.17 -18.08
C CYS C 274 8.83 -10.24 -18.18
C CYS C 274 8.82 -10.25 -18.17
N PHE C 275 8.26 -10.31 -19.38
CA PHE C 275 6.80 -10.27 -19.58
C PHE C 275 6.27 -11.71 -19.74
N ASN C 276 4.94 -11.83 -19.77
CA ASN C 276 4.28 -13.14 -19.78
C ASN C 276 3.23 -13.21 -20.91
N LEU C 277 3.51 -12.62 -22.06
CA LEU C 277 2.56 -12.68 -23.20
C LEU C 277 2.71 -13.98 -23.98
N THR C 278 1.61 -14.49 -24.52
CA THR C 278 1.67 -15.58 -25.50
C THR C 278 1.78 -15.00 -26.90
N VAL C 279 1.99 -15.87 -27.89
CA VAL C 279 2.01 -15.44 -29.28
C VAL C 279 0.64 -14.82 -29.63
N LYS C 280 -0.44 -15.42 -29.16
CA LYS C 280 -1.77 -14.88 -29.47
C LYS C 280 -1.94 -13.50 -28.84
N GLY C 281 -1.47 -13.34 -27.61
CA GLY C 281 -1.57 -12.05 -26.92
C GLY C 281 -0.78 -10.96 -27.60
N HIS C 282 0.42 -11.33 -28.07
CA HIS C 282 1.27 -10.40 -28.78
C HIS C 282 0.60 -10.03 -30.12
N ALA C 283 0.13 -11.04 -30.83
CA ALA C 283 -0.42 -10.86 -32.18
C ALA C 283 -1.74 -10.10 -32.15
N LYS C 284 -2.43 -10.11 -31.02
CA LYS C 284 -3.64 -9.33 -30.85
C LYS C 284 -3.36 -7.85 -31.11
N CYS C 285 -2.14 -7.40 -30.79
CA CYS C 285 -1.77 -6.01 -31.07
C CYS C 285 -1.80 -5.73 -32.58
N VAL C 286 -1.33 -6.69 -33.37
CA VAL C 286 -1.34 -6.56 -34.81
C VAL C 286 -2.80 -6.49 -35.27
N GLU C 287 -3.62 -7.40 -34.75
CA GLU C 287 -5.04 -7.45 -35.13
C GLU C 287 -5.71 -6.10 -34.86
N VAL C 288 -5.45 -5.53 -33.69
CA VAL C 288 -6.04 -4.24 -33.30
C VAL C 288 -5.61 -3.14 -34.26
N VAL C 289 -4.32 -3.04 -34.57
CA VAL C 289 -3.84 -1.97 -35.44
C VAL C 289 -4.45 -2.15 -36.85
N LYS C 290 -4.60 -3.38 -37.33
CA LYS C 290 -5.21 -3.63 -38.64
C LYS C 290 -6.66 -3.13 -38.75
N THR C 291 -7.42 -3.14 -37.65
CA THR C 291 -8.82 -2.73 -37.71
C THR C 291 -8.96 -1.29 -38.20
N PHE C 292 -7.91 -0.46 -38.10
CA PHE C 292 -8.01 0.97 -38.47
C PHE C 292 -7.80 1.18 -39.97
N ASN C 293 -7.38 0.14 -40.71
CA ASN C 293 -7.36 0.17 -42.19
C ASN C 293 -6.42 1.27 -42.71
N LEU C 294 -5.29 1.43 -42.06
CA LEU C 294 -4.26 2.39 -42.46
C LEU C 294 -3.05 1.64 -43.02
N PRO C 295 -2.34 2.27 -43.96
CA PRO C 295 -1.07 1.77 -44.45
C PRO C 295 -0.19 1.42 -43.26
N LEU C 296 0.40 0.23 -43.25
CA LEU C 296 1.04 -0.31 -42.08
C LEU C 296 2.36 -0.99 -42.46
N LEU C 297 3.41 -0.55 -41.79
CA LEU C 297 4.76 -1.15 -41.86
C LEU C 297 4.97 -1.92 -40.57
N MET C 298 5.14 -3.24 -40.70
CA MET C 298 5.37 -4.08 -39.57
C MET C 298 6.85 -4.48 -39.55
N LEU C 299 7.50 -4.24 -38.42
CA LEU C 299 8.90 -4.47 -38.26
C LEU C 299 9.18 -5.45 -37.11
N GLY C 300 10.37 -6.04 -37.15
CA GLY C 300 10.84 -6.90 -36.07
C GLY C 300 11.31 -6.10 -34.86
N GLY C 301 12.27 -6.64 -34.14
CA GLY C 301 12.69 -6.08 -32.88
C GLY C 301 13.50 -7.10 -32.13
N GLY C 302 13.55 -6.95 -30.83
CA GLY C 302 14.20 -7.91 -29.97
C GLY C 302 13.49 -9.28 -30.01
N GLY C 303 14.07 -10.23 -29.31
CA GLY C 303 13.52 -11.60 -29.23
C GLY C 303 14.67 -12.58 -29.16
N TYR C 304 14.74 -13.38 -28.08
CA TYR C 304 15.98 -14.09 -27.69
C TYR C 304 15.76 -15.60 -27.47
N THR C 305 14.51 -16.01 -27.30
CA THR C 305 14.19 -17.45 -27.35
C THR C 305 13.78 -17.73 -28.80
N ILE C 306 14.70 -18.21 -29.63
CA ILE C 306 14.53 -17.93 -31.04
C ILE C 306 13.41 -18.81 -31.63
N ARG C 307 13.14 -19.97 -31.03
CA ARG C 307 11.98 -20.78 -31.47
C ARG C 307 10.70 -19.96 -31.31
N ASN C 308 10.59 -19.18 -30.23
CA ASN C 308 9.35 -18.38 -29.97
C ASN C 308 9.30 -17.13 -30.85
N VAL C 309 10.45 -16.55 -31.18
CA VAL C 309 10.53 -15.48 -32.17
C VAL C 309 9.95 -15.99 -33.49
N ALA C 310 10.41 -17.14 -33.98
CA ALA C 310 9.92 -17.66 -35.27
C ALA C 310 8.41 -17.90 -35.23
N ARG C 311 7.92 -18.45 -34.13
CA ARG C 311 6.48 -18.69 -33.97
C ARG C 311 5.71 -17.37 -34.05
N CYS C 312 6.21 -16.38 -33.32
CA CYS C 312 5.49 -15.13 -33.13
C CYS C 312 5.37 -14.39 -34.46
N TRP C 313 6.49 -14.26 -35.17
CA TRP C 313 6.50 -13.48 -36.41
C TRP C 313 5.83 -14.29 -37.54
N THR C 314 5.91 -15.60 -37.50
CA THR C 314 5.12 -16.39 -38.47
C THR C 314 3.62 -16.11 -38.26
N TYR C 315 3.18 -16.18 -37.00
CA TYR C 315 1.76 -16.01 -36.74
C TYR C 315 1.34 -14.58 -37.10
N GLU C 316 2.20 -13.61 -36.82
CA GLU C 316 1.87 -12.20 -37.11
C GLU C 316 1.85 -11.95 -38.62
N THR C 317 2.66 -12.66 -39.39
CA THR C 317 2.54 -12.61 -40.86
C THR C 317 1.17 -13.18 -41.28
N ALA C 318 0.77 -14.28 -40.66
CA ALA C 318 -0.53 -14.88 -40.98
C ALA C 318 -1.66 -13.91 -40.62
N VAL C 319 -1.52 -13.24 -39.49
CA VAL C 319 -2.52 -12.24 -39.10
C VAL C 319 -2.59 -11.14 -40.17
N ALA C 320 -1.43 -10.67 -40.65
CA ALA C 320 -1.40 -9.63 -41.70
C ALA C 320 -2.20 -10.11 -42.92
N LEU C 321 -2.03 -11.39 -43.25
CA LEU C 321 -2.61 -12.01 -44.43
C LEU C 321 -4.06 -12.47 -44.19
N ASP C 322 -4.58 -12.30 -42.97
CA ASP C 322 -5.91 -12.83 -42.64
C ASP C 322 -6.04 -14.31 -42.88
N CYS C 323 -4.98 -15.03 -42.55
CA CYS C 323 -4.87 -16.44 -42.91
C CYS C 323 -4.77 -17.25 -41.61
N GLU C 324 -5.80 -18.02 -41.30
CA GLU C 324 -5.78 -18.94 -40.16
C GLU C 324 -4.77 -20.05 -40.48
N ILE C 325 -3.78 -20.23 -39.62
CA ILE C 325 -2.82 -21.32 -39.84
C ILE C 325 -2.96 -22.30 -38.68
N PRO C 326 -2.79 -23.59 -38.95
CA PRO C 326 -2.96 -24.63 -37.93
C PRO C 326 -1.90 -24.55 -36.83
N ASN C 327 -2.28 -25.02 -35.65
CA ASN C 327 -1.39 -25.02 -34.49
C ASN C 327 -0.29 -26.07 -34.67
N GLU C 328 -0.52 -27.07 -35.51
CA GLU C 328 0.49 -28.10 -35.78
C GLU C 328 1.51 -27.48 -36.74
N LEU C 329 2.78 -27.37 -36.33
CA LEU C 329 3.80 -26.79 -37.19
C LEU C 329 4.04 -27.71 -38.40
N PRO C 330 4.24 -27.11 -39.59
CA PRO C 330 4.59 -27.94 -40.73
C PRO C 330 6.06 -28.38 -40.59
N TYR C 331 6.44 -29.39 -41.33
CA TYR C 331 7.84 -29.72 -41.36
C TYR C 331 8.63 -28.52 -41.89
N ASN C 332 9.84 -28.37 -41.38
CA ASN C 332 10.64 -27.23 -41.78
C ASN C 332 12.12 -27.53 -41.47
N ASP C 333 12.99 -26.64 -41.94
CA ASP C 333 14.44 -26.90 -41.84
C ASP C 333 14.95 -26.84 -40.40
N TYR C 334 14.15 -26.29 -39.48
CA TYR C 334 14.51 -26.12 -38.06
C TYR C 334 13.56 -26.92 -37.17
N PHE C 335 12.95 -27.98 -37.70
CA PHE C 335 11.81 -28.58 -37.03
C PHE C 335 12.14 -28.96 -35.57
N GLU C 336 13.33 -29.54 -35.34
CA GLU C 336 13.73 -30.07 -34.01
C GLU C 336 13.79 -28.94 -32.96
N TYR C 337 13.98 -27.71 -33.40
CA TYR C 337 14.07 -26.57 -32.49
C TYR C 337 12.72 -26.32 -31.79
N PHE C 338 11.63 -26.86 -32.34
CA PHE C 338 10.29 -26.55 -31.84
C PHE C 338 9.78 -27.68 -30.94
N GLY C 339 10.62 -28.67 -30.63
CA GLY C 339 10.29 -29.66 -29.66
C GLY C 339 10.12 -29.07 -28.27
N PRO C 340 9.52 -29.82 -27.36
CA PRO C 340 9.03 -31.18 -27.63
C PRO C 340 7.58 -31.27 -28.17
N ASP C 341 6.87 -30.14 -28.20
CA ASP C 341 5.43 -30.11 -28.58
C ASP C 341 5.19 -29.96 -30.09
N PHE C 342 6.09 -29.24 -30.75
CA PHE C 342 6.00 -28.93 -32.21
C PHE C 342 4.69 -28.21 -32.57
N LYS C 343 4.25 -27.33 -31.67
CA LYS C 343 3.07 -26.49 -31.88
C LYS C 343 3.51 -25.04 -32.15
N LEU C 344 2.61 -24.27 -32.74
CA LEU C 344 2.84 -22.87 -33.05
C LEU C 344 2.65 -22.02 -31.80
N HIS C 345 1.60 -22.31 -31.03
CA HIS C 345 1.22 -21.44 -29.90
C HIS C 345 1.95 -21.88 -28.62
N ILE C 346 2.12 -20.95 -27.69
CA ILE C 346 2.88 -21.19 -26.45
C ILE C 346 1.97 -20.89 -25.25
N SER C 347 2.29 -21.50 -24.12
CA SER C 347 1.58 -21.25 -22.85
C SER C 347 2.33 -20.19 -22.03
N PRO C 348 1.58 -19.39 -21.26
CA PRO C 348 2.22 -18.48 -20.32
C PRO C 348 2.83 -19.28 -19.16
N SER C 349 3.74 -18.65 -18.43
CA SER C 349 4.31 -19.20 -17.21
C SER C 349 3.41 -18.83 -16.03
N ASN C 350 3.74 -19.33 -14.85
CA ASN C 350 2.97 -18.97 -13.65
C ASN C 350 3.61 -17.77 -12.94
N MET C 351 4.46 -17.01 -13.64
CA MET C 351 5.17 -15.90 -12.99
C MET C 351 4.13 -14.88 -12.50
N THR C 352 4.48 -14.19 -11.43
CA THR C 352 3.60 -13.17 -10.83
C THR C 352 3.56 -11.93 -11.73
N ASN C 353 2.34 -11.40 -11.92
CA ASN C 353 2.12 -10.13 -12.60
C ASN C 353 2.31 -9.02 -11.57
N GLN C 354 3.38 -8.24 -11.70
CA GLN C 354 3.72 -7.22 -10.69
C GLN C 354 3.00 -5.89 -10.99
N ASN C 355 2.26 -5.84 -12.11
CA ASN C 355 1.46 -4.68 -12.47
C ASN C 355 0.12 -4.79 -11.73
N THR C 356 -0.02 -4.09 -10.62
CA THR C 356 -1.25 -4.17 -9.88
C THR C 356 -2.36 -3.43 -10.63
N PRO C 357 -3.62 -3.82 -10.40
CA PRO C 357 -4.72 -3.05 -10.96
C PRO C 357 -4.63 -1.55 -10.69
N GLU C 358 -4.28 -1.13 -9.48
CA GLU C 358 -4.20 0.27 -9.15
C GLU C 358 -3.14 0.97 -10.02
N TYR C 359 -1.97 0.34 -10.11
CA TYR C 359 -0.86 0.86 -10.91
C TYR C 359 -1.31 1.06 -12.37
N MET C 360 -1.93 0.04 -12.96
CA MET C 360 -2.32 0.05 -14.36
CA MET C 360 -2.30 0.05 -14.36
C MET C 360 -3.37 1.14 -14.60
N GLU C 361 -4.29 1.26 -13.67
CA GLU C 361 -5.37 2.25 -13.80
C GLU C 361 -4.81 3.69 -13.73
N LYS C 362 -3.88 3.90 -12.82
CA LYS C 362 -3.20 5.21 -12.64
C LYS C 362 -2.49 5.62 -13.94
N ILE C 363 -1.70 4.71 -14.50
CA ILE C 363 -0.97 5.01 -15.73
C ILE C 363 -1.97 5.28 -16.85
N LYS C 364 -2.97 4.43 -16.98
CA LYS C 364 -3.92 4.58 -18.08
C LYS C 364 -4.61 5.94 -17.94
N GLN C 365 -4.98 6.30 -16.72
CA GLN C 365 -5.74 7.55 -16.52
C GLN C 365 -4.89 8.74 -16.91
N ARG C 366 -3.61 8.72 -16.56
CA ARG C 366 -2.69 9.82 -16.95
C ARG C 366 -2.54 9.90 -18.47
N LEU C 367 -2.42 8.75 -19.14
CA LEU C 367 -2.24 8.77 -20.59
C LEU C 367 -3.49 9.31 -21.28
N PHE C 368 -4.66 8.93 -20.80
CA PHE C 368 -5.92 9.44 -21.36
C PHE C 368 -5.98 10.96 -21.19
N GLU C 369 -5.53 11.48 -20.04
CA GLU C 369 -5.53 12.92 -19.78
C GLU C 369 -4.59 13.59 -20.79
N ASN C 370 -3.43 13.00 -21.02
CA ASN C 370 -2.46 13.55 -21.97
C ASN C 370 -3.04 13.55 -23.39
N LEU C 371 -3.75 12.50 -23.76
CA LEU C 371 -4.25 12.40 -25.13
C LEU C 371 -5.38 13.39 -25.34
N ARG C 372 -6.08 13.79 -24.28
CA ARG C 372 -7.15 14.78 -24.43
C ARG C 372 -6.56 16.17 -24.70
N MET C 373 -5.24 16.35 -24.55
CA MET C 373 -4.59 17.66 -24.80
C MET C 373 -4.30 17.85 -26.30
N LEU C 374 -4.42 16.80 -27.14
CA LEU C 374 -4.28 16.97 -28.61
C LEU C 374 -5.42 17.87 -29.11
N PRO C 375 -5.17 18.66 -30.17
CA PRO C 375 -6.21 19.58 -30.64
C PRO C 375 -7.42 18.83 -31.21
ZN ZN D . 17.70 14.78 22.23
CA CA E . 15.18 19.52 26.80
NA NA F . 3.00 29.03 25.32
C1 PEG G . 6.32 -4.66 10.88
O1 PEG G . 7.17 -5.40 11.77
C2 PEG G . 6.95 -3.30 10.62
O2 PEG G . 8.26 -3.47 10.07
C3 PEG G . 8.84 -2.24 9.63
C4 PEG G . 9.95 -2.49 8.61
O4 PEG G . 9.40 -2.48 7.30
H11 PEG G . 6.21 -5.21 9.94
H12 PEG G . 5.34 -4.53 11.33
HO1 PEG G . 6.80 -6.23 11.99
H21 PEG G . 6.33 -2.75 9.92
H22 PEG G . 7.02 -2.73 11.55
H31 PEG G . 8.08 -1.60 9.18
H32 PEG G . 9.25 -1.71 10.49
H41 PEG G . 10.72 -1.71 8.70
H42 PEG G . 10.42 -3.44 8.82
HO4 PEG G . 10.11 -2.64 6.65
C1 PEG H . 19.03 -5.02 16.71
O1 PEG H . 20.39 -5.45 16.66
C2 PEG H . 18.34 -5.43 15.42
O2 PEG H . 17.34 -4.47 15.07
C3 PEG H . 17.36 -4.19 13.67
C4 PEG H . 16.02 -3.62 13.24
O4 PEG H . 15.95 -3.71 11.81
H11 PEG H . 18.52 -5.49 17.55
H12 PEG H . 18.98 -3.94 16.84
HO1 PEG H . 20.77 -5.16 17.42
H21 PEG H . 19.09 -5.51 14.63
H22 PEG H . 17.88 -6.41 15.55
H31 PEG H . 18.16 -3.48 13.45
H32 PEG H . 17.55 -5.11 13.10
H41 PEG H . 15.20 -4.17 13.70
H42 PEG H . 15.95 -2.57 13.54
HO4 PEG H . 15.11 -3.36 11.51
C1 PGE I . -21.85 9.16 24.57
O1 PGE I . -21.43 8.89 25.92
C2 PGE I . -20.93 8.41 23.60
O2 PGE I . -20.96 7.03 23.91
C3 PGE I . -20.07 6.26 23.08
C4 PGE I . -19.07 5.59 23.99
O4 PGE I . -15.27 8.10 24.06
C6 PGE I . -15.71 6.79 23.64
C5 PGE I . -17.19 6.87 23.37
O3 PGE I . -17.77 5.57 23.43
H1 PGE I . -22.87 8.82 24.44
H12 PGE I . -21.81 10.23 24.38
HO1 PGE I . -22.11 9.18 26.47
H2 PGE I . -21.27 8.59 22.58
H22 PGE I . -19.92 8.80 23.70
H3 PGE I . -20.65 5.50 22.55
H32 PGE I . -19.58 6.89 22.34
H4 PGE I . -19.05 6.08 24.97
H42 PGE I . -19.39 4.55 24.15
HO4 PGE I . -14.32 8.07 24.23
H6 PGE I . -15.50 6.05 24.41
H62 PGE I . -15.17 6.50 22.73
H5 PGE I . -17.34 7.27 22.36
H52 PGE I . -17.66 7.55 24.08
C2 KJF J . 16.45 14.46 19.46
C3 KJF J . 15.71 13.30 18.82
C5 KJF J . 13.59 12.04 18.48
C6 KJF J . 13.54 11.64 17.15
C7 KJF J . 12.99 10.44 16.79
C8 KJF J . 12.48 9.60 17.76
C10 KJF J . 13.06 11.19 19.44
C11 KJF J . 17.94 14.19 19.31
C14 KJF J . 20.02 14.39 17.97
C15 KJF J . 20.39 15.43 16.96
C16 KJF J . 19.13 15.67 16.19
N1 KJF J . 16.12 14.58 20.91
C4 KJF J . 14.20 13.36 18.87
C9 KJF J . 12.51 9.98 19.08
O12 KJF J . 18.49 13.51 20.17
N13 KJF J . 18.61 14.69 18.25
C17 KJF J . 18.04 15.61 17.25
H21 KJF J . 16.22 15.30 19.00
H22 KJF J . 15.99 12.46 19.26
H23 KJF J . 15.98 13.24 17.87
H26 KJF J . 13.91 12.22 16.48
H27 KJF J . 12.97 10.18 15.88
H28 KJF J . 12.09 8.76 17.50
H30 KJF J . 13.09 11.45 20.36
H31 KJF J . 20.56 14.47 18.79
H32 KJF J . 20.13 13.49 17.61
H33 KJF J . 21.11 15.11 16.38
H34 KJF J . 20.70 16.26 17.41
H35 KJF J . 19.00 14.99 15.51
H36 KJF J . 19.14 16.56 15.76
H18 KJF J . 16.52 13.91 21.37
H19 KJF J . 15.23 14.53 21.02
H24 KJF J . 13.88 14.06 18.26
H25 KJF J . 13.91 13.59 19.78
H29 KJF J . 12.15 9.40 19.75
H37 KJF J . 17.87 16.49 17.64
H38 KJF J . 17.21 15.26 16.88
H20 KJF J . 16.42 15.38 21.23
ZN ZN K . -28.57 -10.20 9.06
CA CA L . -26.38 -13.74 3.34
NA NA M . -19.98 -8.37 -9.61
C3' NHE N . -12.28 6.18 19.40
C2' NHE N . -12.28 4.91 20.23
C1' NHE N . -11.13 4.87 21.22
C6' NHE N . -11.04 6.15 22.05
N NHE N . -11.30 3.67 22.11
C1 NHE N . -10.09 3.19 22.84
C2 NHE N . -10.49 2.20 23.89
S NHE N . -9.18 1.70 24.96
O1 NHE N . -8.98 2.76 25.91
O2 NHE N . -8.03 1.50 24.08
O3 NHE N . -9.64 0.47 25.58
C5' NHE N . -11.10 7.41 21.21
C4' NHE N . -12.30 7.39 20.30
H3'1 NHE N . -13.05 6.18 18.80
H3'2 NHE N . -11.47 6.19 18.85
H2'1 NHE N . -12.23 4.14 19.64
H2'2 NHE N . -13.13 4.85 20.73
HC'1 NHE N . -10.28 4.75 20.71
H6'1 NHE N . -10.20 6.14 22.57
H6'2 NHE N . -11.78 6.16 22.69
HN NHE N . -11.94 3.86 22.72
HC11 NHE N . -9.46 2.79 22.20
HC12 NHE N . -9.64 3.96 23.26
HC21 NHE N . -11.20 2.57 24.46
HC22 NHE N . -10.84 1.38 23.45
H5'1 NHE N . -11.14 8.19 21.79
H5'2 NHE N . -10.29 7.47 20.68
H4'1 NHE N . -13.12 7.39 20.83
H4'2 NHE N . -12.30 8.20 19.74
H9 NHE N . -11.62 2.98 21.61
O1 PG4 O . -33.41 -24.56 28.85
C1 PG4 O . -33.32 -25.87 28.29
C2 PG4 O . -31.98 -26.49 28.66
O2 PG4 O . -32.12 -27.35 29.79
C3 PG4 O . -31.96 -26.72 31.05
C4 PG4 O . -31.15 -27.62 31.97
O3 PG4 O . -29.82 -27.78 31.48
C5 PG4 O . -28.98 -28.46 32.40
C6 PG4 O . -27.51 -28.28 32.06
O4 PG4 O . -27.34 -27.97 30.68
C7 PG4 O . -27.15 -29.11 29.87
C8 PG4 O . -25.87 -29.01 29.06
O5 PG4 O . -24.76 -28.90 29.96
HO1 PG4 O . -34.35 -24.24 28.84
H11 PG4 O . -34.13 -26.50 28.68
H12 PG4 O . -33.42 -25.83 27.20
H21 PG4 O . -31.61 -27.07 27.81
H22 PG4 O . -31.26 -25.70 28.86
H31 PG4 O . -31.46 -25.76 30.96
H32 PG4 O . -32.94 -26.54 31.50
H41 PG4 O . -31.13 -27.20 32.98
H42 PG4 O . -31.63 -28.60 32.02
H51 PG4 O . -29.15 -28.09 33.41
H52 PG4 O . -29.22 -29.53 32.40
H61 PG4 O . -27.11 -27.46 32.67
H62 PG4 O . -26.95 -29.17 32.34
H71 PG4 O . -27.15 -30.02 30.45
H72 PG4 O . -27.97 -29.15 29.15
H81 PG4 O . -25.77 -29.91 28.45
H82 PG4 O . -25.91 -28.15 28.40
HO5 PG4 O . -23.95 -28.87 29.45
O1 PG4 P . -21.49 -32.25 17.68
C1 PG4 P . -22.40 -31.61 18.58
C2 PG4 P . -21.88 -31.55 20.00
O2 PG4 P . -20.51 -31.18 20.02
C3 PG4 P . -20.12 -30.51 21.20
C4 PG4 P . -18.61 -30.53 21.37
O3 PG4 P . -17.91 -30.18 20.19
C5 PG4 P . -16.50 -29.98 20.41
C6 PG4 P . -15.78 -29.69 19.10
O4 PG4 P . -16.06 -30.72 18.16
C7 PG4 P . -15.67 -30.44 16.83
C8 PG4 P . -15.88 -31.69 15.99
O5 PG4 P . -17.26 -31.98 15.82
HO1 PG4 P . -21.86 -32.28 16.79
H11 PG4 P . -22.59 -30.59 18.22
H12 PG4 P . -23.35 -32.14 18.57
H21 PG4 P . -22.47 -30.83 20.58
H22 PG4 P . -22.00 -32.53 20.48
H31 PG4 P . -20.48 -29.48 21.16
H32 PG4 P . -20.59 -30.99 22.07
H41 PG4 P . -18.34 -29.83 22.16
H42 PG4 P . -18.30 -31.52 21.69
H51 PG4 P . -16.35 -29.15 21.11
H52 PG4 P . -16.08 -30.89 20.86
H61 PG4 P . -16.11 -28.72 18.70
H62 PG4 P . -14.70 -29.63 19.27
H71 PG4 P . -16.26 -29.61 16.42
H72 PG4 P . -14.61 -30.14 16.80
H81 PG4 P . -15.40 -31.56 15.01
H82 PG4 P . -15.39 -32.54 16.49
HO5 PG4 P . -17.36 -32.78 15.29
C1 EDO Q . -21.81 -30.41 12.48
O1 EDO Q . -23.18 -30.13 12.77
C2 EDO Q . -21.38 -29.73 11.19
O2 EDO Q . -19.99 -30.01 10.97
H11 EDO Q . -21.18 -30.07 13.30
H12 EDO Q . -21.66 -31.50 12.38
HO1 EDO Q . -23.43 -30.55 13.58
H21 EDO Q . -21.98 -30.11 10.35
H22 EDO Q . -21.53 -28.65 11.26
HO2 EDO Q . -19.69 -29.59 10.15
C1 PEG R . -29.12 -14.12 31.19
O1 PEG R . -28.54 -13.51 32.35
C2 PEG R . -28.84 -15.62 31.15
O2 PEG R . -29.76 -16.31 30.28
C3 PEG R . -29.13 -17.22 29.37
C4 PEG R . -30.10 -18.26 28.82
O4 PEG R . -31.34 -17.66 28.46
H11 PEG R . -30.20 -13.94 31.20
H12 PEG R . -28.70 -13.64 30.30
HO1 PEG R . -28.71 -12.55 32.32
H21 PEG R . -27.82 -15.77 30.79
H22 PEG R . -28.90 -16.04 32.15
H31 PEG R . -28.68 -16.66 28.55
H32 PEG R . -28.32 -17.74 29.90
H41 PEG R . -29.66 -18.73 27.94
H42 PEG R . -30.26 -19.04 29.56
HO4 PEG R . -31.94 -18.35 28.11
C1 EDO S . -40.44 -27.40 22.59
O1 EDO S . -41.06 -28.59 22.12
C2 EDO S . -39.04 -27.71 23.05
O2 EDO S . -38.45 -26.49 23.51
H11 EDO S . -40.43 -26.67 21.78
H12 EDO S . -41.02 -26.98 23.41
HO1 EDO S . -41.96 -28.37 21.83
H21 EDO S . -39.06 -28.44 23.87
H22 EDO S . -38.45 -28.12 22.23
HO2 EDO S . -37.55 -26.65 23.82
C2 KJF T . -28.41 -7.12 9.18
C3 KJF T . -27.59 -6.23 10.10
C5 KJF T . -25.48 -5.03 10.56
C6 KJF T . -25.78 -3.77 11.04
C7 KJF T . -25.00 -3.17 12.01
C8 KJF T . -23.91 -3.85 12.52
C10 KJF T . -24.37 -5.69 11.08
C11 KJF T . -29.64 -7.55 9.93
C14 KJF T . -31.98 -7.09 10.59
C15 KJF T . -33.04 -6.33 9.86
C16 KJF T . -32.32 -5.17 9.26
N1 KJF T . -27.64 -8.34 8.80
C4 KJF T . -26.33 -5.67 9.49
C9 KJF T . -23.59 -5.11 12.04
O12 KJF T . -29.59 -8.53 10.69
N13 KJF T . -30.78 -6.85 9.77
C17 KJF T . -30.97 -5.74 8.83
H21 KJF T . -28.66 -6.63 8.36
H22 KJF T . -27.37 -6.75 10.90
H23 KJF T . -28.16 -5.47 10.38
H26 KJF T . -26.54 -3.30 10.70
H27 KJF T . -25.22 -2.31 12.33
H28 KJF T . -23.36 -3.45 13.19
H30 KJF T . -24.15 -6.56 10.75
H31 KJF T . -32.18 -8.04 10.64
H32 KJF T . -31.86 -6.74 11.50
H33 KJF T . -33.74 -6.03 10.46
H34 KJF T . -33.43 -6.89 9.16
H35 KJF T . -32.20 -4.46 9.92
H36 KJF T . -32.81 -4.81 8.49
H18 KJF T . -27.56 -8.89 9.53
H19 KJF T . -26.81 -8.11 8.52
H24 KJF T . -26.55 -5.02 8.81
H25 KJF T . -25.82 -6.40 9.07
H29 KJF T . -22.84 -5.57 12.38
H37 KJF T . -31.00 -6.07 7.91
H38 KJF T . -30.27 -5.08 8.91
H20 KJF T . -28.06 -8.78 8.14
ZN ZN U . 13.80 -5.38 -26.88
CA CA V . 8.29 -1.03 -26.40
NA NA W . 6.64 13.39 -31.93
C1 EDO X . 28.11 -12.55 -43.22
O1 EDO X . 27.68 -12.72 -44.57
C2 EDO X . 29.41 -13.31 -42.98
O2 EDO X . 30.53 -12.45 -43.19
H11 EDO X . 28.27 -11.50 -43.01
H12 EDO X . 27.34 -12.93 -42.54
HO1 EDO X . 26.86 -12.24 -44.70
H21 EDO X . 29.43 -13.69 -41.95
H22 EDO X . 29.48 -14.16 -43.65
HO2 EDO X . 31.34 -12.93 -43.03
C2 KJF Y . 16.45 -4.48 -28.18
C3 KJF Y . 17.13 -4.99 -29.43
C5 KJF Y . 17.42 -4.88 -31.90
C6 KJF Y . 16.55 -5.51 -32.77
C7 KJF Y . 17.02 -6.17 -33.89
C8 KJF Y . 18.38 -6.19 -34.15
C10 KJF Y . 18.78 -4.91 -32.18
C11 KJF Y . 16.79 -5.43 -27.03
C14 KJF Y . 18.30 -6.08 -25.19
C15 KJF Y . 19.15 -5.21 -24.33
C16 KJF Y . 19.72 -4.19 -25.28
N1 KJF Y . 14.98 -4.45 -28.37
C4 KJF Y . 16.90 -4.16 -30.67
C9 KJF Y . 19.25 -5.57 -33.29
O12 KJF Y . 16.10 -6.45 -26.90
N13 KJF Y . 17.80 -5.15 -26.22
C17 KJF Y . 18.58 -3.89 -26.23
H21 KJF Y . 16.77 -3.58 -27.96
H22 KJF Y . 16.81 -5.90 -29.61
H23 KJF Y . 18.09 -5.04 -29.27
H26 KJF Y . 15.61 -5.50 -32.60
H27 KJF Y . 16.41 -6.60 -34.48
H28 KJF Y . 18.71 -6.64 -34.92
H30 KJF Y . 19.38 -4.48 -31.58
H31 KJF Y . 17.57 -6.46 -24.68
H32 KJF Y . 18.82 -6.79 -25.60
H33 KJF Y . 19.87 -5.74 -23.91
H34 KJF Y . 18.62 -4.78 -23.63
H35 KJF Y . 20.50 -4.55 -25.76
H36 KJF Y . 19.99 -3.38 -24.80
H18 KJF Y . 14.65 -5.29 -28.40
H19 KJF Y . 14.77 -4.02 -29.14
H24 KJF Y . 17.36 -3.30 -30.59
H25 KJF Y . 15.94 -3.98 -30.79
H29 KJF Y . 20.19 -5.58 -33.47
H37 KJF Y . 18.04 -3.14 -25.90
H38 KJF Y . 18.90 -3.69 -27.12
H20 KJF Y . 14.59 -4.00 -27.67
#